data_4W5B
#
_entry.id   4W5B
#
_cell.length_a   137.100
_cell.length_b   137.100
_cell.length_c   109.800
_cell.angle_alpha   90.000
_cell.angle_beta   90.000
_cell.angle_gamma   90.000
#
_symmetry.space_group_name_H-M   'P 43 21 2'
#
loop_
_entity.id
_entity.type
_entity.pdbx_description
1 polymer Cruzipain
2 non-polymer N-(1H-benzimidazol-2-yl)-1,3-dimethyl-1H-pyrazole-4-carboxamide
3 water water
#
_entity_poly.entity_id   1
_entity_poly.type   'polypeptide(L)'
_entity_poly.pdbx_seq_one_letter_code
;APAAVDWRARGAVTAVKDQGQCGSSWAFSAIGNVECQWFLAGHPLTNLSEQMLVSCDKTDSGCSGGLMNNAFEWIVQENN
GAVYTEDSYPYASGEGISPPCTTSGHTVGATITGHVELPQDEAQIAAWLAVNGPVAVAVDASSWMTYTGGVMTSCVSEQL
DHGVLLVGYNDSAAVPYWIIKNSWTTQWGEEGYIRIAKGSNQCLVKEEASSAVVG
;
_entity_poly.pdbx_strand_id   A,B,C
#
# COMPACT_ATOMS: atom_id res chain seq x y z
N ALA A 1 -4.24 31.88 7.44
CA ALA A 1 -4.97 30.81 8.12
C ALA A 1 -4.48 30.66 9.57
N PRO A 2 -5.40 30.32 10.50
CA PRO A 2 -5.10 30.12 11.92
C PRO A 2 -4.13 28.96 12.11
N ALA A 3 -3.57 28.80 13.31
CA ALA A 3 -2.56 27.76 13.51
C ALA A 3 -3.16 26.35 13.50
N ALA A 4 -4.35 26.17 14.06
CA ALA A 4 -4.94 24.85 14.17
C ALA A 4 -6.46 24.89 14.06
N VAL A 5 -7.00 24.01 13.22
CA VAL A 5 -8.44 23.92 13.05
C VAL A 5 -8.90 22.46 13.16
N ASP A 6 -10.00 22.24 13.87
CA ASP A 6 -10.58 20.93 13.97
C ASP A 6 -12.08 21.08 13.93
N TRP A 7 -12.64 20.81 12.76
CA TRP A 7 -14.06 20.97 12.54
C TRP A 7 -14.87 19.92 13.28
N ARG A 8 -14.20 18.92 13.85
CA ARG A 8 -14.93 17.98 14.69
C ARG A 8 -15.38 18.68 15.95
N ALA A 9 -14.52 19.55 16.46
CA ALA A 9 -14.83 20.29 17.68
C ALA A 9 -16.00 21.26 17.46
N ARG A 10 -16.26 21.63 16.21
CA ARG A 10 -17.30 22.62 15.94
C ARG A 10 -18.63 21.94 15.69
N GLY A 11 -18.65 20.61 15.87
CA GLY A 11 -19.83 19.80 15.63
C GLY A 11 -20.24 19.62 14.17
N ALA A 12 -19.27 19.69 13.25
CA ALA A 12 -19.55 19.73 11.80
C ALA A 12 -19.37 18.39 11.06
N VAL A 13 -18.96 17.35 11.78
CA VAL A 13 -18.59 16.09 11.16
C VAL A 13 -19.41 14.95 11.71
N THR A 14 -19.99 14.14 10.83
CA THR A 14 -20.74 12.97 11.25
C THR A 14 -19.83 11.83 11.74
N ALA A 15 -20.47 10.78 12.27
CA ALA A 15 -19.74 9.60 12.77
C ALA A 15 -18.94 8.87 11.69
N VAL A 16 -17.89 8.19 12.10
CA VAL A 16 -17.06 7.44 11.16
C VAL A 16 -17.86 6.29 10.59
N LYS A 17 -17.77 6.10 9.27
CA LYS A 17 -18.57 5.07 8.61
C LYS A 17 -17.73 3.89 8.14
N ASP A 18 -18.38 2.88 7.57
CA ASP A 18 -17.68 1.68 7.11
C ASP A 18 -18.06 1.31 5.69
N GLN A 19 -17.12 1.50 4.76
CA GLN A 19 -17.40 1.22 3.36
C GLN A 19 -17.44 -0.28 3.05
N GLY A 20 -16.94 -1.11 3.95
CA GLY A 20 -16.92 -2.53 3.71
C GLY A 20 -15.95 -2.92 2.61
N GLN A 21 -16.35 -3.91 1.82
CA GLN A 21 -15.55 -4.47 0.75
C GLN A 21 -15.84 -3.81 -0.57
N CYS A 22 -16.34 -2.59 -0.51
CA CYS A 22 -16.75 -1.88 -1.70
C CYS A 22 -15.66 -0.86 -2.03
N GLY A 23 -15.42 -0.59 -3.30
CA GLY A 23 -14.46 0.44 -3.67
C GLY A 23 -15.16 1.79 -3.79
N SER A 24 -15.69 2.26 -2.67
CA SER A 24 -16.61 3.39 -2.66
C SER A 24 -16.12 4.53 -1.77
N SER A 25 -14.82 4.58 -1.55
CA SER A 25 -14.26 5.63 -0.75
C SER A 25 -14.51 7.01 -1.39
N TRP A 26 -14.62 7.04 -2.71
CA TRP A 26 -14.90 8.27 -3.42
C TRP A 26 -16.26 8.80 -3.02
N ALA A 27 -17.19 7.89 -2.78
CA ALA A 27 -18.54 8.27 -2.41
C ALA A 27 -18.61 8.71 -0.94
N PHE A 28 -17.77 8.11 -0.08
CA PHE A 28 -17.74 8.48 1.32
C PHE A 28 -17.03 9.81 1.46
N SER A 29 -16.04 10.03 0.63
CA SER A 29 -15.31 11.27 0.64
C SER A 29 -16.25 12.40 0.20
N ALA A 30 -16.98 12.18 -0.88
CA ALA A 30 -17.89 13.18 -1.40
C ALA A 30 -19.06 13.45 -0.43
N ILE A 31 -19.75 12.41 0.00
CA ILE A 31 -20.89 12.57 0.89
C ILE A 31 -20.48 13.24 2.20
N GLY A 32 -19.35 12.82 2.76
CA GLY A 32 -18.85 13.39 3.99
C GLY A 32 -18.57 14.88 3.88
N ASN A 33 -18.03 15.28 2.73
CA ASN A 33 -17.83 16.68 2.42
C ASN A 33 -19.18 17.42 2.42
N VAL A 34 -20.15 16.91 1.68
CA VAL A 34 -21.45 17.53 1.62
C VAL A 34 -22.06 17.67 3.01
N GLU A 35 -21.95 16.62 3.82
CA GLU A 35 -22.52 16.61 5.16
C GLU A 35 -22.05 17.80 5.98
N CYS A 36 -20.78 18.12 5.85
CA CYS A 36 -20.17 19.18 6.62
C CYS A 36 -20.61 20.53 6.11
N GLN A 37 -20.55 20.67 4.79
CA GLN A 37 -20.90 21.92 4.15
C GLN A 37 -22.36 22.22 4.46
N TRP A 38 -23.19 21.17 4.46
CA TRP A 38 -24.61 21.35 4.73
C TRP A 38 -24.78 21.94 6.13
N PHE A 39 -24.10 21.34 7.10
CA PHE A 39 -24.18 21.82 8.46
C PHE A 39 -23.65 23.25 8.58
N LEU A 40 -22.51 23.51 7.97
CA LEU A 40 -21.86 24.80 8.09
C LEU A 40 -22.62 25.91 7.38
N ALA A 41 -23.70 25.54 6.70
CA ALA A 41 -24.53 26.50 6.02
C ALA A 41 -25.74 26.84 6.89
N GLY A 42 -25.80 26.25 8.08
CA GLY A 42 -26.83 26.58 9.05
C GLY A 42 -27.87 25.49 9.17
N HIS A 43 -27.71 24.41 8.42
CA HIS A 43 -28.69 23.34 8.44
C HIS A 43 -28.24 22.32 9.48
N PRO A 44 -29.15 21.45 9.94
CA PRO A 44 -28.77 20.41 10.91
C PRO A 44 -27.74 19.41 10.38
N LEU A 45 -26.86 18.90 11.25
CA LEU A 45 -25.94 17.86 10.83
C LEU A 45 -26.73 16.64 10.43
N THR A 46 -26.65 16.27 9.16
CA THR A 46 -27.47 15.18 8.63
C THR A 46 -26.61 14.05 8.02
N ASN A 47 -26.95 12.81 8.29
CA ASN A 47 -26.31 11.71 7.58
C ASN A 47 -26.91 11.57 6.20
N LEU A 48 -26.03 11.59 5.19
CA LEU A 48 -26.42 11.52 3.80
C LEU A 48 -25.96 10.21 3.19
N SER A 49 -26.45 9.90 1.98
CA SER A 49 -26.35 8.56 1.39
C SER A 49 -25.23 8.32 0.37
N GLU A 50 -24.20 7.56 0.77
CA GLU A 50 -23.17 7.11 -0.15
C GLU A 50 -23.74 6.16 -1.18
N GLN A 51 -24.64 5.30 -0.73
CA GLN A 51 -25.31 4.35 -1.60
C GLN A 51 -26.03 5.05 -2.73
N MET A 52 -26.53 6.25 -2.47
CA MET A 52 -27.14 7.03 -3.54
C MET A 52 -26.15 7.20 -4.68
N LEU A 53 -24.92 7.55 -4.32
CA LEU A 53 -23.84 7.75 -5.28
C LEU A 53 -23.41 6.44 -5.90
N VAL A 54 -23.16 5.43 -5.05
CA VAL A 54 -22.70 4.12 -5.53
C VAL A 54 -23.64 3.51 -6.55
N SER A 55 -24.94 3.62 -6.30
CA SER A 55 -25.93 2.99 -7.17
C SER A 55 -26.29 3.83 -8.41
N CYS A 56 -26.20 5.15 -8.32
CA CYS A 56 -26.91 5.98 -9.32
C CYS A 56 -25.99 6.85 -10.15
N ASP A 57 -24.82 7.15 -9.62
CA ASP A 57 -23.86 8.01 -10.27
C ASP A 57 -23.15 7.15 -11.30
N LYS A 58 -23.70 7.14 -12.51
CA LYS A 58 -23.19 6.28 -13.56
C LYS A 58 -22.00 6.95 -14.23
N THR A 59 -21.59 8.09 -13.70
CA THR A 59 -20.41 8.80 -14.17
C THR A 59 -19.19 8.17 -13.50
N ASP A 60 -19.46 7.49 -12.39
CA ASP A 60 -18.47 6.82 -11.61
C ASP A 60 -18.77 5.34 -11.67
N SER A 61 -18.03 4.51 -10.94
CA SER A 61 -18.14 3.08 -11.17
C SER A 61 -18.52 2.28 -9.97
N GLY A 62 -19.35 2.88 -9.12
CA GLY A 62 -19.92 2.16 -8.00
C GLY A 62 -18.83 1.55 -7.13
N CYS A 63 -18.92 0.25 -6.94
CA CYS A 63 -17.98 -0.42 -6.05
C CYS A 63 -16.64 -0.58 -6.70
N SER A 64 -16.49 -0.15 -7.94
CA SER A 64 -15.20 -0.26 -8.61
C SER A 64 -14.49 1.07 -8.80
N GLY A 65 -14.82 2.05 -7.96
CA GLY A 65 -14.08 3.29 -7.96
C GLY A 65 -14.79 4.49 -8.58
N GLY A 66 -14.24 5.67 -8.30
CA GLY A 66 -14.77 6.92 -8.81
C GLY A 66 -14.00 8.13 -8.31
N LEU A 67 -14.52 9.30 -8.63
CA LEU A 67 -13.89 10.54 -8.22
C LEU A 67 -14.87 11.43 -7.49
N MET A 68 -14.41 12.09 -6.44
CA MET A 68 -15.25 13.02 -5.71
C MET A 68 -15.84 14.08 -6.64
N ASN A 69 -15.02 14.62 -7.54
CA ASN A 69 -15.49 15.72 -8.40
C ASN A 69 -16.55 15.31 -9.36
N ASN A 70 -16.51 14.03 -9.74
CA ASN A 70 -17.55 13.49 -10.59
C ASN A 70 -18.84 13.45 -9.82
N ALA A 71 -18.76 13.06 -8.55
CA ALA A 71 -19.93 12.93 -7.70
C ALA A 71 -20.62 14.29 -7.57
N PHE A 72 -19.81 15.30 -7.27
CA PHE A 72 -20.27 16.67 -7.15
C PHE A 72 -20.95 17.09 -8.46
N GLU A 73 -20.29 16.82 -9.59
CA GLU A 73 -20.93 17.12 -10.87
C GLU A 73 -22.21 16.32 -11.08
N TRP A 74 -22.21 15.08 -10.62
CA TRP A 74 -23.37 14.23 -10.84
C TRP A 74 -24.57 14.72 -10.02
N ILE A 75 -24.30 15.06 -8.76
CA ILE A 75 -25.36 15.50 -7.87
C ILE A 75 -26.08 16.73 -8.46
N VAL A 76 -25.31 17.68 -8.95
CA VAL A 76 -25.88 18.91 -9.45
C VAL A 76 -26.58 18.74 -10.81
N GLN A 77 -25.86 18.17 -11.78
CA GLN A 77 -26.34 18.08 -13.16
C GLN A 77 -27.33 16.96 -13.39
N GLU A 78 -27.32 15.93 -12.56
CA GLU A 78 -28.19 14.79 -12.84
C GLU A 78 -29.28 14.60 -11.79
N ASN A 79 -29.08 15.16 -10.61
CA ASN A 79 -30.00 14.93 -9.50
C ASN A 79 -30.49 16.25 -8.88
N ASN A 80 -30.33 17.35 -9.62
CA ASN A 80 -30.78 18.70 -9.21
C ASN A 80 -30.21 19.12 -7.89
N GLY A 81 -28.96 18.80 -7.64
CA GLY A 81 -28.33 19.14 -6.39
C GLY A 81 -28.82 18.28 -5.25
N ALA A 82 -29.68 17.31 -5.51
CA ALA A 82 -30.29 16.54 -4.41
C ALA A 82 -29.39 15.42 -3.84
N VAL A 83 -29.29 15.41 -2.51
CA VAL A 83 -28.61 14.34 -1.81
C VAL A 83 -29.54 13.71 -0.79
N TYR A 84 -29.87 12.43 -0.96
CA TYR A 84 -30.82 11.78 -0.06
C TYR A 84 -30.25 11.46 1.34
N THR A 85 -31.10 11.23 2.33
CA THR A 85 -30.61 10.83 3.65
C THR A 85 -30.08 9.39 3.71
N GLU A 86 -29.18 9.17 4.65
CA GLU A 86 -28.65 7.84 4.88
C GLU A 86 -29.78 6.94 5.27
N ASP A 87 -30.64 7.45 6.14
CA ASP A 87 -31.74 6.67 6.63
C ASP A 87 -32.64 6.19 5.51
N SER A 88 -32.84 7.02 4.48
CA SER A 88 -33.77 6.69 3.40
C SER A 88 -33.08 6.04 2.22
N TYR A 89 -31.77 6.10 2.19
CA TYR A 89 -31.12 5.40 1.14
C TYR A 89 -29.91 4.81 1.83
N PRO A 90 -30.13 3.78 2.66
CA PRO A 90 -29.05 3.22 3.46
C PRO A 90 -28.05 2.39 2.67
N TYR A 91 -26.86 2.25 3.25
CA TYR A 91 -25.75 1.59 2.59
C TYR A 91 -25.95 0.08 2.54
N ALA A 92 -25.85 -0.48 1.34
CA ALA A 92 -26.13 -1.88 1.15
C ALA A 92 -25.01 -2.59 0.41
N SER A 93 -23.84 -1.96 0.40
CA SER A 93 -22.74 -2.41 -0.44
C SER A 93 -21.55 -2.99 0.34
N GLY A 94 -21.75 -3.42 1.59
CA GLY A 94 -20.64 -3.89 2.42
C GLY A 94 -19.85 -5.11 1.93
N GLU A 95 -20.51 -6.00 1.20
CA GLU A 95 -19.92 -7.23 0.67
C GLU A 95 -19.37 -6.97 -0.71
N GLY A 96 -19.42 -5.73 -1.15
CA GLY A 96 -18.81 -5.38 -2.41
C GLY A 96 -19.73 -5.41 -3.60
N ILE A 97 -21.01 -5.75 -3.42
CA ILE A 97 -21.94 -5.68 -4.55
C ILE A 97 -23.12 -4.74 -4.25
N SER A 98 -23.24 -3.72 -5.08
CA SER A 98 -24.23 -2.67 -4.91
C SER A 98 -25.55 -3.03 -5.50
N PRO A 99 -26.63 -2.71 -4.78
CA PRO A 99 -27.94 -2.88 -5.39
C PRO A 99 -28.11 -1.81 -6.47
N PRO A 100 -29.06 -2.00 -7.37
CA PRO A 100 -29.17 -1.00 -8.44
C PRO A 100 -29.84 0.32 -7.97
N CYS A 101 -29.84 1.34 -8.84
CA CYS A 101 -30.40 2.66 -8.52
C CYS A 101 -31.92 2.65 -8.27
N THR A 102 -32.36 3.40 -7.25
CA THR A 102 -33.78 3.61 -7.03
C THR A 102 -34.08 5.08 -6.79
N THR A 103 -35.25 5.53 -7.22
CA THR A 103 -35.52 6.92 -7.04
C THR A 103 -36.59 7.12 -5.99
N SER A 104 -37.68 6.39 -6.12
CA SER A 104 -38.79 6.55 -5.18
C SER A 104 -38.39 6.01 -3.82
N GLY A 105 -38.93 6.63 -2.77
CA GLY A 105 -38.73 6.09 -1.44
C GLY A 105 -37.65 6.85 -0.69
N HIS A 106 -36.94 7.72 -1.38
CA HIS A 106 -35.86 8.43 -0.72
C HIS A 106 -36.21 9.92 -0.45
N THR A 107 -35.64 10.44 0.62
CA THR A 107 -35.92 11.77 1.15
C THR A 107 -34.71 12.66 0.94
N VAL A 108 -34.90 13.81 0.29
CA VAL A 108 -33.79 14.73 0.03
C VAL A 108 -33.36 15.43 1.32
N GLY A 109 -32.15 15.13 1.80
CA GLY A 109 -31.67 15.67 3.05
C GLY A 109 -30.76 16.89 2.90
N ALA A 110 -30.20 17.07 1.71
CA ALA A 110 -29.33 18.22 1.46
C ALA A 110 -29.24 18.57 -0.02
N THR A 111 -28.82 19.80 -0.27
CA THR A 111 -28.68 20.32 -1.62
C THR A 111 -27.36 21.02 -1.79
N ILE A 112 -26.74 20.86 -2.95
CA ILE A 112 -25.52 21.59 -3.29
C ILE A 112 -25.75 22.26 -4.64
N THR A 113 -24.95 23.27 -4.97
CA THR A 113 -25.21 24.02 -6.18
C THR A 113 -24.03 23.90 -7.14
N GLY A 114 -22.95 23.31 -6.63
CA GLY A 114 -21.77 23.05 -7.41
C GLY A 114 -20.64 22.60 -6.52
N HIS A 115 -19.45 22.74 -7.06
CA HIS A 115 -18.22 22.49 -6.36
C HIS A 115 -17.09 23.36 -6.86
N VAL A 116 -16.07 23.47 -5.99
CA VAL A 116 -14.78 24.10 -6.28
C VAL A 116 -13.62 23.10 -6.13
N GLU A 117 -12.57 23.28 -6.93
CA GLU A 117 -11.30 22.55 -6.79
C GLU A 117 -10.29 23.45 -6.09
N LEU A 118 -9.51 22.89 -5.17
CA LEU A 118 -8.51 23.68 -4.48
C LEU A 118 -7.15 23.50 -5.16
N PRO A 119 -6.21 24.44 -4.93
CA PRO A 119 -4.92 24.32 -5.61
C PRO A 119 -4.13 23.18 -5.02
N GLN A 120 -3.09 22.72 -5.72
CA GLN A 120 -2.20 21.68 -5.23
C GLN A 120 -1.18 22.26 -4.30
N ASP A 121 -1.68 22.90 -3.24
CA ASP A 121 -0.86 23.66 -2.30
C ASP A 121 -1.44 23.46 -0.91
N GLU A 122 -0.67 22.87 -0.01
CA GLU A 122 -1.20 22.52 1.31
C GLU A 122 -1.50 23.76 2.16
N ALA A 123 -0.79 24.86 1.90
CA ALA A 123 -1.03 26.11 2.63
C ALA A 123 -2.33 26.74 2.16
N GLN A 124 -2.55 26.68 0.85
CA GLN A 124 -3.76 27.20 0.28
C GLN A 124 -4.98 26.36 0.64
N ILE A 125 -4.82 25.03 0.65
CA ILE A 125 -5.88 24.12 1.07
C ILE A 125 -6.24 24.39 2.52
N ALA A 126 -5.24 24.59 3.36
CA ALA A 126 -5.49 24.83 4.78
C ALA A 126 -6.21 26.14 4.96
N ALA A 127 -5.89 27.09 4.08
CA ALA A 127 -6.48 28.40 4.13
C ALA A 127 -7.98 28.26 3.86
N TRP A 128 -8.31 27.50 2.83
CA TRP A 128 -9.71 27.29 2.48
C TRP A 128 -10.41 26.52 3.60
N LEU A 129 -9.75 25.50 4.10
CA LEU A 129 -10.36 24.67 5.13
C LEU A 129 -10.65 25.49 6.36
N ALA A 130 -9.75 26.41 6.69
CA ALA A 130 -9.92 27.24 7.88
C ALA A 130 -11.23 28.06 7.83
N VAL A 131 -11.57 28.57 6.65
CA VAL A 131 -12.78 29.36 6.48
C VAL A 131 -13.98 28.47 6.22
N ASN A 132 -13.89 27.66 5.18
CA ASN A 132 -15.07 26.99 4.68
C ASN A 132 -15.31 25.54 5.08
N GLY A 133 -14.38 24.94 5.82
CA GLY A 133 -14.62 23.61 6.33
C GLY A 133 -14.02 22.44 5.55
N PRO A 134 -14.28 21.22 6.04
CA PRO A 134 -13.70 19.95 5.59
C PRO A 134 -13.66 19.81 4.08
N VAL A 135 -12.49 19.36 3.61
CA VAL A 135 -12.20 19.23 2.19
C VAL A 135 -12.08 17.75 1.79
N ALA A 136 -12.65 17.41 0.64
CA ALA A 136 -12.50 16.10 0.05
C ALA A 136 -11.16 15.98 -0.67
N VAL A 137 -10.36 14.99 -0.27
CA VAL A 137 -9.07 14.76 -0.92
C VAL A 137 -8.88 13.30 -1.27
N ALA A 138 -8.09 13.08 -2.31
CA ALA A 138 -7.66 11.74 -2.71
C ALA A 138 -6.26 11.45 -2.18
N VAL A 139 -6.02 10.23 -1.75
CA VAL A 139 -4.69 9.89 -1.28
C VAL A 139 -4.22 8.52 -1.77
N ASP A 140 -2.95 8.26 -1.49
CA ASP A 140 -2.40 6.94 -1.64
C ASP A 140 -2.62 6.29 -0.29
N ALA A 141 -3.38 5.20 -0.23
CA ALA A 141 -3.63 4.61 1.07
C ALA A 141 -2.91 3.30 1.20
N SER A 142 -2.00 3.03 0.27
CA SER A 142 -1.30 1.74 0.27
C SER A 142 -0.63 1.46 1.61
N SER A 143 -0.07 2.48 2.25
CA SER A 143 0.61 2.26 3.51
C SER A 143 -0.31 2.39 4.72
N TRP A 144 -1.62 2.45 4.51
CA TRP A 144 -2.53 2.81 5.60
C TRP A 144 -3.04 1.62 6.41
N MET A 145 -2.92 0.40 5.89
CA MET A 145 -3.60 -0.73 6.53
C MET A 145 -2.99 -1.04 7.88
N THR A 146 -1.74 -0.64 8.04
CA THR A 146 -1.01 -0.85 9.29
C THR A 146 -0.74 0.40 10.10
N TYR A 147 -1.63 1.37 9.99
CA TYR A 147 -1.51 2.57 10.80
C TYR A 147 -2.23 2.39 12.13
N THR A 148 -1.55 2.78 13.22
CA THR A 148 -2.12 2.59 14.55
C THR A 148 -2.49 3.94 15.21
N GLY A 149 -1.61 4.92 15.02
CA GLY A 149 -1.80 6.22 15.61
C GLY A 149 -0.59 7.09 15.34
N GLY A 150 -0.62 8.31 15.83
CA GLY A 150 0.51 9.21 15.63
C GLY A 150 0.46 9.84 14.27
N VAL A 151 1.52 10.54 13.91
CA VAL A 151 1.56 11.24 12.62
C VAL A 151 2.39 10.49 11.58
N MET A 152 1.71 9.87 10.62
CA MET A 152 2.39 9.18 9.52
C MET A 152 3.35 10.15 8.82
N THR A 153 4.63 9.79 8.72
CA THR A 153 5.63 10.77 8.26
C THR A 153 6.25 10.44 6.91
N SER A 154 6.25 9.17 6.53
CA SER A 154 6.72 8.80 5.21
C SER A 154 5.75 7.80 4.62
N CYS A 155 4.56 8.29 4.31
CA CYS A 155 3.48 7.54 3.69
C CYS A 155 3.85 7.25 2.25
N VAL A 156 3.67 6.02 1.80
CA VAL A 156 3.83 5.72 0.39
C VAL A 156 2.98 6.68 -0.42
N SER A 157 3.65 7.52 -1.20
CA SER A 157 2.96 8.59 -1.90
C SER A 157 3.18 8.45 -3.41
N GLU A 158 2.68 7.36 -3.96
CA GLU A 158 3.01 7.01 -5.33
C GLU A 158 1.81 7.02 -6.27
N GLN A 159 0.66 6.59 -5.78
CA GLN A 159 -0.53 6.58 -6.63
C GLN A 159 -1.76 6.78 -5.80
N LEU A 160 -2.62 7.70 -6.25
CA LEU A 160 -3.88 7.95 -5.59
C LEU A 160 -4.82 6.76 -5.83
N ASP A 161 -5.42 6.26 -4.76
CA ASP A 161 -6.35 5.13 -4.86
C ASP A 161 -7.52 5.22 -3.87
N HIS A 162 -7.59 6.28 -3.08
CA HIS A 162 -8.51 6.31 -1.95
C HIS A 162 -8.97 7.75 -1.65
N GLY A 163 -10.28 7.91 -1.48
CA GLY A 163 -10.87 9.20 -1.19
C GLY A 163 -11.12 9.32 0.30
N VAL A 164 -10.77 10.48 0.85
CA VAL A 164 -10.98 10.75 2.25
C VAL A 164 -11.41 12.22 2.49
N LEU A 165 -11.46 12.61 3.76
CA LEU A 165 -11.97 13.92 4.12
C LEU A 165 -11.05 14.60 5.10
N LEU A 166 -10.48 15.74 4.69
CA LEU A 166 -9.67 16.54 5.59
C LEU A 166 -10.58 17.32 6.50
N VAL A 167 -10.60 17.01 7.78
CA VAL A 167 -11.49 17.74 8.67
C VAL A 167 -10.73 18.80 9.48
N GLY A 168 -9.42 18.91 9.27
CA GLY A 168 -8.66 19.91 9.98
C GLY A 168 -7.15 19.75 9.95
N TYR A 169 -6.46 20.69 10.61
CA TYR A 169 -5.00 20.63 10.68
C TYR A 169 -4.48 21.22 11.99
N ASN A 170 -3.16 21.17 12.17
CA ASN A 170 -2.50 21.69 13.36
C ASN A 170 -1.03 22.03 13.12
N ASP A 171 -0.73 23.30 12.82
CA ASP A 171 0.64 23.70 12.46
C ASP A 171 1.52 23.94 13.68
N SER A 172 0.92 23.94 14.87
CA SER A 172 1.66 24.21 16.10
C SER A 172 2.40 22.96 16.62
N ALA A 173 1.89 21.77 16.33
CA ALA A 173 2.47 20.53 16.86
C ALA A 173 3.91 20.34 16.42
N ALA A 174 4.62 19.46 17.14
CA ALA A 174 6.03 19.19 16.88
C ALA A 174 6.22 18.76 15.43
N VAL A 175 5.33 17.86 14.99
CA VAL A 175 5.18 17.47 13.60
C VAL A 175 3.81 17.91 13.10
N PRO A 176 3.74 19.01 12.33
CA PRO A 176 2.45 19.51 11.84
C PRO A 176 1.67 18.44 11.05
N TYR A 177 0.38 18.31 11.35
CA TYR A 177 -0.40 17.25 10.75
C TYR A 177 -1.75 17.71 10.21
N TRP A 178 -2.26 16.91 9.28
CA TRP A 178 -3.64 16.99 8.82
C TRP A 178 -4.42 16.03 9.66
N ILE A 179 -5.67 16.35 9.91
CA ILE A 179 -6.62 15.43 10.53
C ILE A 179 -7.56 14.90 9.47
N ILE A 180 -7.59 13.59 9.27
CA ILE A 180 -8.32 13.03 8.15
C ILE A 180 -9.35 12.00 8.60
N LYS A 181 -10.59 12.15 8.15
CA LYS A 181 -11.63 11.15 8.40
C LYS A 181 -11.52 10.06 7.33
N ASN A 182 -11.47 8.80 7.76
CA ASN A 182 -11.46 7.68 6.85
C ASN A 182 -12.76 6.95 7.03
N SER A 183 -13.01 5.94 6.17
CA SER A 183 -14.23 5.17 6.20
C SER A 183 -13.98 3.67 6.48
N TRP A 184 -13.05 3.38 7.39
CA TRP A 184 -12.72 1.99 7.70
C TRP A 184 -13.11 1.61 9.14
N THR A 185 -14.31 2.04 9.54
CA THR A 185 -14.84 1.90 10.91
C THR A 185 -14.00 2.66 11.92
N THR A 186 -14.46 2.66 13.16
CA THR A 186 -13.70 3.34 14.20
C THR A 186 -12.58 2.50 14.78
N GLN A 187 -12.51 1.22 14.40
CA GLN A 187 -11.46 0.33 14.93
C GLN A 187 -10.09 0.64 14.33
N TRP A 188 -10.10 1.27 13.17
CA TRP A 188 -8.89 1.64 12.48
C TRP A 188 -8.36 2.99 12.95
N GLY A 189 -7.04 3.11 12.98
CA GLY A 189 -6.40 4.37 13.31
C GLY A 189 -6.81 4.98 14.63
N GLU A 190 -6.96 6.30 14.63
CA GLU A 190 -7.35 7.02 15.83
C GLU A 190 -8.86 7.24 15.78
N GLU A 191 -9.60 6.21 16.21
CA GLU A 191 -11.05 6.28 16.18
C GLU A 191 -11.62 6.55 14.80
N GLY A 192 -10.94 6.05 13.77
CA GLY A 192 -11.42 6.18 12.41
C GLY A 192 -10.71 7.31 11.69
N TYR A 193 -9.88 8.02 12.44
CA TYR A 193 -9.13 9.11 11.86
C TYR A 193 -7.64 8.74 11.73
N ILE A 194 -6.94 9.51 10.92
CA ILE A 194 -5.52 9.38 10.76
C ILE A 194 -4.91 10.78 10.69
N ARG A 195 -3.77 10.97 11.34
CA ARG A 195 -3.00 12.20 11.15
C ARG A 195 -1.77 11.93 10.27
N ILE A 196 -1.67 12.65 9.16
CA ILE A 196 -0.49 12.54 8.32
C ILE A 196 0.22 13.89 8.31
N ALA A 197 1.52 13.86 8.08
CA ALA A 197 2.33 15.06 8.14
C ALA A 197 1.89 16.08 7.09
N LYS A 198 1.82 17.34 7.52
CA LYS A 198 1.38 18.45 6.65
C LYS A 198 2.55 19.25 6.07
N GLY A 199 2.66 19.32 4.75
CA GLY A 199 3.72 20.12 4.16
C GLY A 199 4.70 19.37 3.27
N SER A 200 4.75 18.05 3.43
CA SER A 200 5.67 17.23 2.65
C SER A 200 4.90 16.41 1.63
N ASN A 201 3.63 16.81 1.40
CA ASN A 201 2.73 16.14 0.48
C ASN A 201 2.61 14.64 0.79
N GLN A 202 2.39 14.31 2.06
CA GLN A 202 2.18 12.94 2.46
C GLN A 202 1.02 12.36 1.69
N CYS A 203 1.22 11.17 1.16
CA CYS A 203 0.16 10.43 0.47
C CYS A 203 -0.42 11.18 -0.70
N LEU A 204 0.27 12.23 -1.16
CA LEU A 204 -0.21 13.04 -2.27
C LEU A 204 -1.52 13.74 -1.90
N VAL A 205 -1.66 14.09 -0.62
CA VAL A 205 -2.92 14.64 -0.12
C VAL A 205 -3.44 15.84 -0.94
N LYS A 206 -2.51 16.62 -1.49
CA LYS A 206 -2.82 17.87 -2.14
C LYS A 206 -3.11 17.76 -3.64
N GLU A 207 -2.96 16.59 -4.21
CA GLU A 207 -3.11 16.45 -5.65
CA GLU A 207 -3.11 16.46 -5.65
C GLU A 207 -4.56 16.64 -6.10
N GLU A 208 -5.52 16.13 -5.32
CA GLU A 208 -6.90 16.26 -5.74
C GLU A 208 -7.83 16.72 -4.64
N ALA A 209 -7.67 17.98 -4.24
CA ALA A 209 -8.51 18.54 -3.17
C ALA A 209 -9.70 19.29 -3.75
N SER A 210 -10.91 18.96 -3.32
CA SER A 210 -12.04 19.73 -3.79
C SER A 210 -13.16 19.79 -2.75
N SER A 211 -14.16 20.63 -2.98
CA SER A 211 -15.27 20.74 -2.02
C SER A 211 -16.59 21.11 -2.67
N ALA A 212 -17.65 20.46 -2.21
CA ALA A 212 -18.99 20.87 -2.63
C ALA A 212 -19.34 22.30 -2.14
N VAL A 213 -20.19 22.97 -2.89
CA VAL A 213 -20.66 24.25 -2.44
C VAL A 213 -22.15 24.16 -2.12
N VAL A 214 -22.48 24.53 -0.88
CA VAL A 214 -23.89 24.60 -0.47
C VAL A 214 -24.40 26.04 -0.59
N GLY A 215 -25.55 26.22 -1.24
CA GLY A 215 -26.20 27.53 -1.25
C GLY A 215 -25.43 28.66 -1.90
N ALA B 1 14.29 -30.40 22.56
CA ALA B 1 13.80 -29.91 21.28
C ALA B 1 14.94 -29.30 20.47
N PRO B 2 14.83 -29.35 19.13
CA PRO B 2 15.81 -28.72 18.24
C PRO B 2 15.78 -27.20 18.40
N ALA B 3 16.80 -26.51 17.87
CA ALA B 3 16.93 -25.07 18.09
C ALA B 3 15.87 -24.32 17.34
N ALA B 4 15.56 -24.81 16.15
CA ALA B 4 14.60 -24.13 15.27
C ALA B 4 13.87 -25.15 14.42
N VAL B 5 12.56 -24.99 14.31
CA VAL B 5 11.77 -25.88 13.47
C VAL B 5 10.84 -25.07 12.55
N ASP B 6 10.77 -25.49 11.30
CA ASP B 6 9.87 -24.88 10.33
C ASP B 6 9.31 -25.98 9.45
N TRP B 7 8.05 -26.35 9.66
CA TRP B 7 7.48 -27.45 8.89
C TRP B 7 7.19 -27.07 7.44
N ARG B 8 7.31 -25.77 7.13
CA ARG B 8 7.16 -25.35 5.75
C ARG B 8 8.26 -25.93 4.90
N ALA B 9 9.48 -25.94 5.44
CA ALA B 9 10.63 -26.43 4.70
C ALA B 9 10.50 -27.91 4.39
N ARG B 10 9.68 -28.61 5.18
CA ARG B 10 9.49 -30.06 5.02
C ARG B 10 8.32 -30.45 4.11
N GLY B 11 7.76 -29.49 3.39
CA GLY B 11 6.66 -29.75 2.47
C GLY B 11 5.33 -30.09 3.16
N ALA B 12 5.16 -29.58 4.37
CA ALA B 12 4.06 -30.01 5.22
C ALA B 12 2.88 -29.03 5.34
N VAL B 13 3.00 -27.85 4.74
CA VAL B 13 2.05 -26.78 4.94
C VAL B 13 1.47 -26.33 3.60
N THR B 14 0.15 -26.28 3.48
CA THR B 14 -0.47 -25.79 2.26
C THR B 14 -0.38 -24.27 2.12
N ALA B 15 -0.78 -23.75 0.97
CA ALA B 15 -0.75 -22.30 0.75
C ALA B 15 -1.67 -21.54 1.72
N VAL B 16 -1.35 -20.27 1.90
CA VAL B 16 -2.10 -19.36 2.77
C VAL B 16 -3.48 -19.04 2.21
N LYS B 17 -4.48 -19.11 3.08
CA LYS B 17 -5.83 -18.93 2.63
C LYS B 17 -6.41 -17.59 3.07
N ASP B 18 -7.65 -17.33 2.67
CA ASP B 18 -8.31 -16.07 2.95
C ASP B 18 -9.70 -16.33 3.49
N GLN B 19 -9.91 -16.06 4.76
CA GLN B 19 -11.21 -16.37 5.36
C GLN B 19 -12.29 -15.38 4.96
N GLY B 20 -11.89 -14.24 4.42
CA GLY B 20 -12.84 -13.22 4.06
C GLY B 20 -13.53 -12.62 5.27
N GLN B 21 -14.80 -12.26 5.09
CA GLN B 21 -15.49 -11.55 6.16
C GLN B 21 -16.23 -12.50 7.07
N CYS B 22 -15.76 -13.74 7.09
CA CYS B 22 -16.42 -14.76 7.85
C CYS B 22 -15.66 -14.96 9.17
N GLY B 23 -16.38 -15.24 10.24
CA GLY B 23 -15.72 -15.50 11.51
C GLY B 23 -15.38 -16.98 11.64
N SER B 24 -14.52 -17.45 10.75
CA SER B 24 -14.30 -18.87 10.60
C SER B 24 -12.85 -19.26 10.74
N SER B 25 -12.07 -18.46 11.47
CA SER B 25 -10.66 -18.73 11.66
C SER B 25 -10.50 -20.04 12.43
N TRP B 26 -11.51 -20.35 13.24
CA TRP B 26 -11.50 -21.60 13.97
C TRP B 26 -11.49 -22.74 12.95
N ALA B 27 -12.21 -22.56 11.85
CA ALA B 27 -12.28 -23.60 10.83
C ALA B 27 -11.01 -23.60 10.02
N PHE B 28 -10.34 -22.46 9.91
CA PHE B 28 -9.10 -22.44 9.16
C PHE B 28 -7.93 -23.02 9.94
N SER B 29 -7.94 -22.76 11.24
CA SER B 29 -6.96 -23.31 12.14
C SER B 29 -7.04 -24.83 12.20
N ALA B 30 -8.26 -25.33 12.34
CA ALA B 30 -8.51 -26.76 12.44
C ALA B 30 -8.08 -27.43 11.14
N ILE B 31 -8.61 -26.92 10.03
CA ILE B 31 -8.34 -27.53 8.73
C ILE B 31 -6.86 -27.47 8.40
N GLY B 32 -6.22 -26.35 8.70
CA GLY B 32 -4.80 -26.25 8.42
C GLY B 32 -4.02 -27.31 9.19
N ASN B 33 -4.40 -27.51 10.43
CA ASN B 33 -3.82 -28.53 11.27
C ASN B 33 -4.03 -29.93 10.68
N VAL B 34 -5.26 -30.25 10.30
CA VAL B 34 -5.52 -31.57 9.72
C VAL B 34 -4.63 -31.78 8.49
N GLU B 35 -4.53 -30.75 7.66
CA GLU B 35 -3.75 -30.83 6.45
C GLU B 35 -2.31 -31.28 6.68
N CYS B 36 -1.70 -30.76 7.74
CA CYS B 36 -0.32 -31.04 8.07
C CYS B 36 -0.12 -32.42 8.67
N GLN B 37 -1.00 -32.76 9.60
CA GLN B 37 -0.91 -34.05 10.25
C GLN B 37 -1.08 -35.14 9.20
N TRP B 38 -1.99 -34.90 8.26
CA TRP B 38 -2.26 -35.82 7.18
C TRP B 38 -1.02 -36.05 6.37
N PHE B 39 -0.35 -34.96 6.00
CA PHE B 39 0.89 -35.10 5.25
C PHE B 39 1.90 -35.84 6.08
N LEU B 40 2.03 -35.45 7.35
CA LEU B 40 3.04 -36.04 8.20
C LEU B 40 2.73 -37.49 8.54
N ALA B 41 1.58 -37.99 8.09
CA ALA B 41 1.22 -39.37 8.36
C ALA B 41 1.53 -40.21 7.13
N GLY B 42 2.08 -39.58 6.09
CA GLY B 42 2.52 -40.32 4.93
C GLY B 42 1.73 -40.13 3.68
N HIS B 43 0.71 -39.28 3.74
CA HIS B 43 -0.16 -39.02 2.60
C HIS B 43 0.26 -37.78 1.85
N PRO B 44 -0.16 -37.66 0.58
CA PRO B 44 0.20 -36.45 -0.20
C PRO B 44 -0.43 -35.17 0.40
N LEU B 45 0.29 -34.06 0.32
CA LEU B 45 -0.24 -32.80 0.81
C LEU B 45 -1.52 -32.48 0.07
N THR B 46 -2.63 -32.42 0.80
CA THR B 46 -3.93 -32.23 0.20
C THR B 46 -4.60 -30.99 0.80
N ASN B 47 -5.18 -30.16 -0.05
CA ASN B 47 -6.02 -29.08 0.43
C ASN B 47 -7.39 -29.59 0.85
N LEU B 48 -7.75 -29.26 2.07
CA LEU B 48 -9.00 -29.73 2.63
C LEU B 48 -10.00 -28.58 2.79
N SER B 49 -11.24 -28.91 3.10
CA SER B 49 -12.33 -27.95 3.05
C SER B 49 -12.71 -27.33 4.39
N GLU B 50 -12.35 -26.06 4.57
CA GLU B 50 -12.86 -25.30 5.71
C GLU B 50 -14.37 -25.16 5.64
N GLN B 51 -14.91 -25.02 4.42
CA GLN B 51 -16.35 -24.86 4.24
C GLN B 51 -17.14 -26.05 4.77
N MET B 52 -16.55 -27.23 4.74
CA MET B 52 -17.19 -28.39 5.31
C MET B 52 -17.52 -28.08 6.76
N LEU B 53 -16.55 -27.52 7.47
CA LEU B 53 -16.74 -27.18 8.88
C LEU B 53 -17.75 -26.06 9.08
N VAL B 54 -17.60 -24.98 8.32
CA VAL B 54 -18.48 -23.84 8.46
C VAL B 54 -19.94 -24.23 8.21
N SER B 55 -20.18 -25.11 7.23
CA SER B 55 -21.55 -25.46 6.85
C SER B 55 -22.17 -26.56 7.69
N CYS B 56 -21.34 -27.51 8.14
CA CYS B 56 -21.85 -28.81 8.55
C CYS B 56 -21.69 -29.05 10.02
N ASP B 57 -20.69 -28.39 10.60
CA ASP B 57 -20.35 -28.57 12.00
C ASP B 57 -21.33 -27.79 12.88
N LYS B 58 -22.42 -28.45 13.28
CA LYS B 58 -23.49 -27.75 14.01
C LYS B 58 -23.16 -27.58 15.49
N THR B 59 -21.92 -27.88 15.84
CA THR B 59 -21.42 -27.68 17.20
C THR B 59 -20.84 -26.27 17.30
N ASP B 60 -20.47 -25.72 16.16
CA ASP B 60 -19.86 -24.42 16.12
C ASP B 60 -20.86 -23.49 15.42
N SER B 61 -20.49 -22.25 15.14
CA SER B 61 -21.51 -21.31 14.73
C SER B 61 -21.27 -20.67 13.37
N GLY B 62 -20.65 -21.43 12.47
CA GLY B 62 -20.44 -21.01 11.10
C GLY B 62 -19.65 -19.72 11.04
N CYS B 63 -20.19 -18.73 10.33
CA CYS B 63 -19.48 -17.45 10.18
C CYS B 63 -19.51 -16.63 11.48
N SER B 64 -20.18 -17.12 12.51
CA SER B 64 -20.27 -16.43 13.78
C SER B 64 -19.44 -17.07 14.88
N GLY B 65 -18.39 -17.81 14.51
CA GLY B 65 -17.41 -18.31 15.49
C GLY B 65 -17.43 -19.80 15.83
N GLY B 66 -16.38 -20.24 16.53
CA GLY B 66 -16.28 -21.63 16.91
C GLY B 66 -14.98 -21.96 17.63
N LEU B 67 -14.75 -23.22 17.93
CA LEU B 67 -13.54 -23.67 18.63
C LEU B 67 -12.88 -24.82 17.86
N MET B 68 -11.55 -24.80 17.68
CA MET B 68 -10.89 -25.90 16.96
C MET B 68 -11.16 -27.28 17.55
N ASN B 69 -11.17 -27.39 18.88
CA ASN B 69 -11.39 -28.67 19.51
C ASN B 69 -12.80 -29.22 19.27
N ASN B 70 -13.76 -28.33 19.08
CA ASN B 70 -15.10 -28.74 18.69
C ASN B 70 -15.09 -29.31 17.28
N ALA B 71 -14.36 -28.66 16.39
CA ALA B 71 -14.29 -29.06 14.99
C ALA B 71 -13.73 -30.48 14.91
N PHE B 72 -12.61 -30.67 15.61
CA PHE B 72 -11.92 -31.93 15.73
C PHE B 72 -12.88 -33.01 16.23
N GLU B 73 -13.61 -32.73 17.31
CA GLU B 73 -14.61 -33.66 17.81
C GLU B 73 -15.73 -33.90 16.81
N TRP B 74 -16.11 -32.87 16.08
CA TRP B 74 -17.22 -33.02 15.13
C TRP B 74 -16.83 -33.95 13.97
N ILE B 75 -15.62 -33.78 13.46
CA ILE B 75 -15.15 -34.57 12.33
C ILE B 75 -15.15 -36.05 12.69
N VAL B 76 -14.66 -36.34 13.89
CA VAL B 76 -14.60 -37.72 14.31
C VAL B 76 -15.97 -38.28 14.70
N GLN B 77 -16.68 -37.58 15.56
CA GLN B 77 -17.92 -38.16 16.08
C GLN B 77 -19.07 -38.10 15.09
N GLU B 78 -19.09 -37.08 14.25
CA GLU B 78 -20.24 -36.81 13.40
C GLU B 78 -19.97 -37.04 11.93
N ASN B 79 -18.70 -37.04 11.52
CA ASN B 79 -18.39 -37.19 10.10
C ASN B 79 -17.42 -38.34 9.83
N ASN B 80 -17.34 -39.28 10.77
CA ASN B 80 -16.52 -40.48 10.62
C ASN B 80 -15.07 -40.19 10.34
N GLY B 81 -14.56 -39.08 10.88
CA GLY B 81 -13.18 -38.69 10.64
C GLY B 81 -12.98 -38.14 9.24
N ALA B 82 -14.05 -38.04 8.46
CA ALA B 82 -13.91 -37.61 7.08
C ALA B 82 -13.72 -36.07 7.01
N VAL B 83 -12.73 -35.65 6.23
CA VAL B 83 -12.56 -34.25 5.86
C VAL B 83 -12.52 -34.16 4.33
N TYR B 84 -13.50 -33.49 3.74
CA TYR B 84 -13.55 -33.39 2.28
C TYR B 84 -12.44 -32.49 1.70
N THR B 85 -12.14 -32.66 0.42
CA THR B 85 -11.15 -31.81 -0.23
C THR B 85 -11.65 -30.36 -0.46
N GLU B 86 -10.71 -29.44 -0.58
CA GLU B 86 -11.11 -28.07 -0.88
C GLU B 86 -11.78 -27.98 -2.24
N ASP B 87 -11.23 -28.64 -3.26
CA ASP B 87 -11.76 -28.48 -4.61
C ASP B 87 -13.19 -28.93 -4.74
N SER B 88 -13.53 -30.00 -4.02
CA SER B 88 -14.84 -30.61 -4.12
C SER B 88 -15.80 -29.99 -3.13
N TYR B 89 -15.26 -29.19 -2.21
CA TYR B 89 -16.09 -28.42 -1.25
C TYR B 89 -15.46 -27.04 -1.06
N PRO B 90 -15.53 -26.20 -2.11
CA PRO B 90 -14.83 -24.91 -2.06
C PRO B 90 -15.48 -23.89 -1.11
N TYR B 91 -14.68 -22.91 -0.71
CA TYR B 91 -15.10 -21.90 0.24
C TYR B 91 -16.12 -20.91 -0.36
N ALA B 92 -17.22 -20.73 0.34
CA ALA B 92 -18.30 -19.89 -0.17
C ALA B 92 -18.81 -18.85 0.85
N SER B 93 -18.02 -18.60 1.87
CA SER B 93 -18.44 -17.82 3.01
C SER B 93 -17.72 -16.49 3.11
N GLY B 94 -17.08 -16.06 2.01
CA GLY B 94 -16.26 -14.88 2.05
C GLY B 94 -16.96 -13.57 2.42
N GLU B 95 -18.25 -13.46 2.11
CA GLU B 95 -19.06 -12.23 2.37
C GLU B 95 -19.77 -12.35 3.71
N GLY B 96 -19.49 -13.43 4.44
CA GLY B 96 -20.00 -13.61 5.79
C GLY B 96 -21.23 -14.47 6.02
N ILE B 97 -21.80 -15.03 4.96
CA ILE B 97 -22.90 -15.98 5.16
C ILE B 97 -22.63 -17.34 4.49
N SER B 98 -22.67 -18.41 5.30
CA SER B 98 -22.33 -19.72 4.81
C SER B 98 -23.49 -20.39 4.12
N PRO B 99 -23.21 -21.07 3.01
CA PRO B 99 -24.28 -21.92 2.52
C PRO B 99 -24.47 -23.11 3.48
N PRO B 100 -25.62 -23.77 3.41
CA PRO B 100 -25.83 -24.84 4.37
C PRO B 100 -25.04 -26.12 3.98
N CYS B 101 -25.05 -27.14 4.83
CA CYS B 101 -24.28 -28.37 4.63
C CYS B 101 -24.71 -29.20 3.44
N THR B 102 -23.76 -29.75 2.70
CA THR B 102 -24.08 -30.72 1.66
C THR B 102 -23.19 -31.95 1.74
N THR B 103 -23.65 -33.12 1.33
CA THR B 103 -22.71 -34.22 1.39
C THR B 103 -22.37 -34.76 -0.02
N SER B 104 -23.36 -35.03 -0.85
CA SER B 104 -23.04 -35.64 -2.14
C SER B 104 -22.26 -34.63 -2.95
N GLY B 105 -21.38 -35.09 -3.83
CA GLY B 105 -20.65 -34.20 -4.71
C GLY B 105 -19.25 -33.95 -4.19
N HIS B 106 -18.97 -34.37 -2.96
CA HIS B 106 -17.65 -34.12 -2.36
C HIS B 106 -16.75 -35.37 -2.23
N THR B 107 -15.43 -35.16 -2.20
CA THR B 107 -14.44 -36.24 -2.10
C THR B 107 -13.70 -36.22 -0.78
N VAL B 108 -13.63 -37.36 -0.09
CA VAL B 108 -12.90 -37.40 1.19
C VAL B 108 -11.41 -37.33 0.97
N GLY B 109 -10.79 -36.28 1.45
CA GLY B 109 -9.38 -36.07 1.19
C GLY B 109 -8.46 -36.50 2.30
N ALA B 110 -8.98 -36.60 3.52
CA ALA B 110 -8.17 -37.01 4.66
C ALA B 110 -9.06 -37.50 5.78
N THR B 111 -8.50 -38.31 6.68
CA THR B 111 -9.25 -38.84 7.81
C THR B 111 -8.47 -38.66 9.10
N ILE B 112 -9.17 -38.35 10.18
CA ILE B 112 -8.52 -38.26 11.48
C ILE B 112 -9.26 -39.19 12.43
N THR B 113 -8.61 -39.52 13.54
CA THR B 113 -9.19 -40.49 14.46
C THR B 113 -9.37 -39.86 15.83
N GLY B 114 -8.87 -38.64 15.98
CA GLY B 114 -9.03 -37.88 17.20
C GLY B 114 -8.21 -36.62 17.24
N HIS B 115 -8.06 -36.07 18.43
CA HIS B 115 -7.18 -34.92 18.66
C HIS B 115 -6.63 -34.94 20.05
N VAL B 116 -5.47 -34.32 20.22
CA VAL B 116 -4.90 -34.20 21.55
C VAL B 116 -4.83 -32.74 21.94
N GLU B 117 -5.12 -32.44 23.20
CA GLU B 117 -5.01 -31.07 23.67
C GLU B 117 -3.71 -30.92 24.44
N LEU B 118 -2.94 -29.91 24.10
CA LEU B 118 -1.62 -29.68 24.64
C LEU B 118 -1.62 -28.80 25.89
N PRO B 119 -0.51 -28.81 26.67
CA PRO B 119 -0.51 -28.04 27.92
C PRO B 119 -0.47 -26.55 27.67
N GLN B 120 -0.81 -25.75 28.69
CA GLN B 120 -0.69 -24.30 28.61
C GLN B 120 0.76 -23.95 28.89
N ASP B 121 1.63 -24.45 28.01
CA ASP B 121 3.09 -24.40 28.19
C ASP B 121 3.79 -24.27 26.85
N GLU B 122 4.55 -23.20 26.66
CA GLU B 122 5.18 -23.00 25.38
C GLU B 122 6.31 -23.99 25.09
N ALA B 123 7.01 -24.44 26.12
CA ALA B 123 8.13 -25.35 25.91
C ALA B 123 7.61 -26.72 25.52
N GLN B 124 6.54 -27.14 26.18
CA GLN B 124 5.93 -28.43 25.90
C GLN B 124 5.22 -28.42 24.54
N ILE B 125 4.57 -27.32 24.21
CA ILE B 125 3.93 -27.16 22.91
C ILE B 125 4.99 -27.24 21.82
N ALA B 126 6.11 -26.56 22.04
CA ALA B 126 7.21 -26.54 21.08
C ALA B 126 7.88 -27.91 20.98
N ALA B 127 7.91 -28.65 22.09
CA ALA B 127 8.52 -29.99 22.10
C ALA B 127 7.75 -30.89 21.18
N TRP B 128 6.43 -30.87 21.35
CA TRP B 128 5.53 -31.67 20.53
C TRP B 128 5.62 -31.29 19.07
N LEU B 129 5.61 -29.99 18.78
CA LEU B 129 5.59 -29.54 17.39
C LEU B 129 6.82 -30.06 16.65
N ALA B 130 7.97 -30.02 17.32
CA ALA B 130 9.21 -30.45 16.69
C ALA B 130 9.08 -31.88 16.23
N VAL B 131 8.36 -32.70 17.01
CA VAL B 131 8.16 -34.11 16.69
C VAL B 131 6.97 -34.35 15.77
N ASN B 132 5.79 -33.91 16.20
CA ASN B 132 4.54 -34.34 15.59
C ASN B 132 3.93 -33.37 14.59
N GLY B 133 4.55 -32.21 14.43
CA GLY B 133 4.09 -31.24 13.43
C GLY B 133 3.23 -30.08 13.91
N PRO B 134 2.75 -29.27 12.96
CA PRO B 134 1.98 -28.03 13.21
C PRO B 134 0.84 -28.16 14.20
N VAL B 135 0.75 -27.16 15.08
CA VAL B 135 -0.24 -27.13 16.13
C VAL B 135 -1.30 -26.04 15.90
N ALA B 136 -2.57 -26.38 16.09
CA ALA B 136 -3.65 -25.38 16.04
C ALA B 136 -3.74 -24.63 17.38
N VAL B 137 -3.70 -23.29 17.32
CA VAL B 137 -3.79 -22.46 18.52
C VAL B 137 -4.74 -21.30 18.38
N ALA B 138 -5.27 -20.85 19.51
CA ALA B 138 -6.06 -19.64 19.59
C ALA B 138 -5.20 -18.49 20.09
N VAL B 139 -5.46 -17.31 19.56
CA VAL B 139 -4.77 -16.13 20.00
C VAL B 139 -5.71 -14.95 20.13
N ASP B 140 -5.19 -13.89 20.72
CA ASP B 140 -5.78 -12.57 20.69
C ASP B 140 -5.18 -11.92 19.45
N ALA B 141 -6.00 -11.56 18.47
CA ALA B 141 -5.45 -10.96 17.25
C ALA B 141 -5.82 -9.48 17.11
N SER B 142 -6.36 -8.91 18.18
CA SER B 142 -6.79 -7.52 18.18
C SER B 142 -5.70 -6.56 17.70
N SER B 143 -4.44 -6.85 18.02
CA SER B 143 -3.38 -5.96 17.55
C SER B 143 -2.82 -6.39 16.22
N TRP B 144 -3.46 -7.33 15.54
CA TRP B 144 -2.81 -7.96 14.39
C TRP B 144 -3.03 -7.32 13.02
N MET B 145 -4.08 -6.52 12.85
CA MET B 145 -4.35 -5.99 11.49
C MET B 145 -3.29 -4.92 11.11
N THR B 146 -2.53 -4.46 12.10
CA THR B 146 -1.49 -3.50 11.81
C THR B 146 -0.08 -4.10 11.83
N TYR B 147 0.01 -5.39 11.54
CA TYR B 147 1.29 -6.05 11.46
C TYR B 147 1.85 -6.10 10.02
N THR B 148 3.14 -5.76 9.87
CA THR B 148 3.78 -5.73 8.55
C THR B 148 4.85 -6.78 8.41
N GLY B 149 5.63 -6.95 9.48
CA GLY B 149 6.74 -7.89 9.48
C GLY B 149 7.55 -7.88 10.77
N GLY B 150 8.58 -8.72 10.84
CA GLY B 150 9.43 -8.80 12.03
C GLY B 150 8.84 -9.62 13.16
N VAL B 151 9.47 -9.59 14.34
CA VAL B 151 8.97 -10.36 15.49
C VAL B 151 8.12 -9.53 16.47
N MET B 152 6.81 -9.75 16.43
CA MET B 152 5.89 -9.04 17.30
C MET B 152 6.23 -9.28 18.78
N THR B 153 6.46 -8.18 19.49
CA THR B 153 6.91 -8.23 20.87
C THR B 153 5.93 -7.54 21.80
N SER B 154 5.03 -6.74 21.24
CA SER B 154 4.09 -6.01 22.08
C SER B 154 2.67 -6.34 21.67
N CYS B 155 2.33 -7.61 21.82
CA CYS B 155 1.03 -8.11 21.43
C CYS B 155 0.00 -7.91 22.55
N VAL B 156 -1.12 -7.30 22.22
CA VAL B 156 -2.25 -7.25 23.13
C VAL B 156 -2.72 -8.65 23.54
N SER B 157 -2.63 -8.96 24.83
CA SER B 157 -2.90 -10.32 25.27
C SER B 157 -4.01 -10.42 26.32
N GLU B 158 -5.23 -10.07 25.92
CA GLU B 158 -6.32 -9.95 26.89
C GLU B 158 -7.47 -10.92 26.64
N GLN B 159 -7.80 -11.18 25.38
CA GLN B 159 -8.85 -12.15 25.15
C GLN B 159 -8.71 -12.85 23.79
N LEU B 160 -8.85 -14.17 23.81
CA LEU B 160 -8.72 -14.97 22.61
C LEU B 160 -9.91 -14.74 21.66
N ASP B 161 -9.65 -14.49 20.38
CA ASP B 161 -10.71 -14.24 19.43
C ASP B 161 -10.41 -14.82 18.05
N HIS B 162 -9.29 -15.50 17.92
CA HIS B 162 -8.81 -15.84 16.59
C HIS B 162 -8.02 -17.13 16.58
N GLY B 163 -8.35 -17.99 15.62
CA GLY B 163 -7.68 -19.28 15.49
C GLY B 163 -6.62 -19.27 14.41
N VAL B 164 -5.45 -19.80 14.74
CA VAL B 164 -4.35 -19.85 13.79
C VAL B 164 -3.55 -21.15 13.88
N LEU B 165 -2.44 -21.22 13.16
CA LEU B 165 -1.67 -22.45 13.09
C LEU B 165 -0.18 -22.19 13.25
N LEU B 166 0.37 -22.77 14.31
CA LEU B 166 1.81 -22.76 14.56
C LEU B 166 2.50 -23.76 13.63
N VAL B 167 3.32 -23.24 12.71
CA VAL B 167 4.00 -24.12 11.77
C VAL B 167 5.48 -24.31 12.15
N GLY B 168 5.91 -23.62 13.21
CA GLY B 168 7.30 -23.72 13.65
C GLY B 168 7.80 -22.69 14.65
N TYR B 169 9.06 -22.83 15.03
CA TYR B 169 9.68 -21.88 15.96
C TYR B 169 11.15 -21.71 15.65
N ASN B 170 11.78 -20.83 16.42
CA ASN B 170 13.20 -20.51 16.24
C ASN B 170 13.78 -19.95 17.54
N ASP B 171 14.44 -20.80 18.32
CA ASP B 171 14.94 -20.35 19.62
C ASP B 171 16.34 -19.71 19.63
N SER B 172 17.11 -19.90 18.56
CA SER B 172 18.49 -19.42 18.57
C SER B 172 18.52 -17.95 18.24
N ALA B 173 17.52 -17.49 17.50
CA ALA B 173 17.46 -16.11 17.06
C ALA B 173 17.49 -15.16 18.26
N ALA B 174 17.81 -13.90 18.00
CA ALA B 174 17.94 -12.88 19.03
C ALA B 174 16.66 -12.70 19.85
N VAL B 175 15.53 -12.60 19.17
CA VAL B 175 14.23 -12.68 19.83
C VAL B 175 13.53 -13.95 19.38
N PRO B 176 13.54 -14.99 20.24
CA PRO B 176 12.93 -16.29 19.94
C PRO B 176 11.47 -16.13 19.54
N TYR B 177 11.09 -16.79 18.46
CA TYR B 177 9.74 -16.58 17.94
C TYR B 177 9.01 -17.85 17.54
N TRP B 178 7.70 -17.73 17.50
CA TRP B 178 6.85 -18.72 16.88
C TRP B 178 6.63 -18.29 15.44
N ILE B 179 6.54 -19.24 14.52
CA ILE B 179 6.12 -18.93 13.15
C ILE B 179 4.69 -19.39 12.99
N ILE B 180 3.81 -18.46 12.64
CA ILE B 180 2.37 -18.69 12.66
C ILE B 180 1.70 -18.43 11.33
N LYS B 181 0.96 -19.42 10.84
CA LYS B 181 0.16 -19.28 9.61
C LYS B 181 -1.18 -18.62 9.95
N ASN B 182 -1.52 -17.55 9.25
CA ASN B 182 -2.82 -16.89 9.44
C ASN B 182 -3.64 -17.07 8.16
N SER B 183 -4.91 -16.65 8.19
CA SER B 183 -5.81 -16.78 7.06
C SER B 183 -6.30 -15.42 6.50
N TRP B 184 -5.39 -14.45 6.40
CA TRP B 184 -5.75 -13.11 5.93
C TRP B 184 -5.03 -12.80 4.63
N THR B 185 -4.95 -13.82 3.76
CA THR B 185 -4.24 -13.77 2.49
C THR B 185 -2.76 -13.60 2.67
N THR B 186 -2.05 -13.64 1.55
CA THR B 186 -0.61 -13.52 1.60
C THR B 186 -0.16 -12.07 1.70
N GLN B 187 -1.07 -11.12 1.49
CA GLN B 187 -0.76 -9.68 1.51
C GLN B 187 -0.53 -9.23 2.94
N TRP B 188 -1.15 -9.93 3.88
CA TRP B 188 -0.99 -9.59 5.28
C TRP B 188 0.29 -10.20 5.84
N GLY B 189 0.96 -9.44 6.70
CA GLY B 189 2.17 -9.90 7.36
C GLY B 189 3.24 -10.35 6.40
N GLU B 190 3.96 -11.41 6.78
CA GLU B 190 5.07 -11.93 5.99
C GLU B 190 4.61 -13.05 5.09
N GLU B 191 4.09 -12.66 3.94
CA GLU B 191 3.50 -13.61 2.99
C GLU B 191 2.42 -14.46 3.66
N GLY B 192 1.71 -13.85 4.61
CA GLY B 192 0.59 -14.52 5.26
C GLY B 192 0.93 -15.09 6.61
N TYR B 193 2.19 -15.02 6.99
CA TYR B 193 2.60 -15.56 8.27
C TYR B 193 2.91 -14.47 9.25
N ILE B 194 3.03 -14.84 10.51
CA ILE B 194 3.44 -13.87 11.50
C ILE B 194 4.38 -14.52 12.48
N ARG B 195 5.44 -13.80 12.82
CA ARG B 195 6.27 -14.23 13.92
C ARG B 195 5.94 -13.43 15.18
N ILE B 196 5.60 -14.14 16.26
CA ILE B 196 5.39 -13.50 17.54
C ILE B 196 6.42 -14.04 18.51
N ALA B 197 6.80 -13.25 19.52
CA ALA B 197 7.87 -13.67 20.44
C ALA B 197 7.48 -14.92 21.24
N LYS B 198 8.42 -15.85 21.32
CA LYS B 198 8.19 -17.13 21.98
C LYS B 198 8.69 -17.18 23.43
N GLY B 199 7.80 -17.45 24.38
CA GLY B 199 8.18 -17.60 25.78
C GLY B 199 7.50 -16.71 26.83
N SER B 200 6.92 -15.60 26.38
CA SER B 200 6.26 -14.65 27.27
C SER B 200 4.74 -14.71 27.09
N ASN B 201 4.28 -15.80 26.47
CA ASN B 201 2.87 -15.98 26.16
C ASN B 201 2.29 -14.82 25.34
N GLN B 202 3.01 -14.42 24.29
CA GLN B 202 2.50 -13.39 23.38
C GLN B 202 1.17 -13.82 22.75
N CYS B 203 0.22 -12.89 22.71
CA CYS B 203 -1.09 -13.11 22.11
C CYS B 203 -1.85 -14.25 22.75
N LEU B 204 -1.38 -14.68 23.94
CA LEU B 204 -1.96 -15.80 24.69
C LEU B 204 -1.79 -17.11 23.93
N VAL B 205 -0.72 -17.21 23.16
CA VAL B 205 -0.52 -18.32 22.28
C VAL B 205 -0.66 -19.70 22.95
N LYS B 206 -0.32 -19.81 24.24
CA LYS B 206 -0.24 -21.13 24.87
C LYS B 206 -1.55 -21.64 25.47
N GLU B 207 -2.60 -20.83 25.51
CA GLU B 207 -3.82 -21.17 26.23
C GLU B 207 -4.71 -22.24 25.60
N GLU B 208 -4.75 -22.32 24.28
CA GLU B 208 -5.60 -23.33 23.63
C GLU B 208 -4.87 -24.00 22.47
N ALA B 209 -3.82 -24.76 22.78
CA ALA B 209 -3.08 -25.48 21.74
C ALA B 209 -3.54 -26.91 21.63
N SER B 210 -3.88 -27.34 20.42
CA SER B 210 -4.22 -28.74 20.15
C SER B 210 -3.92 -29.18 18.72
N SER B 211 -4.07 -30.47 18.47
CA SER B 211 -3.79 -31.03 17.16
C SER B 211 -4.67 -32.18 16.85
N ALA B 212 -5.03 -32.30 15.58
CA ALA B 212 -5.71 -33.47 15.08
C ALA B 212 -4.76 -34.65 15.17
N VAL B 213 -5.29 -35.84 15.37
CA VAL B 213 -4.46 -37.04 15.32
C VAL B 213 -4.86 -37.88 14.10
N VAL B 214 -3.88 -38.26 13.27
CA VAL B 214 -4.15 -39.12 12.12
C VAL B 214 -3.80 -40.61 12.36
N GLY B 215 -4.73 -41.50 12.04
CA GLY B 215 -4.49 -42.93 12.09
C GLY B 215 -4.28 -43.49 13.49
N ALA C 1 16.69 4.69 7.42
CA ALA C 1 16.01 5.14 6.22
C ALA C 1 14.55 4.72 6.24
N PRO C 2 13.68 5.57 5.68
CA PRO C 2 12.24 5.27 5.63
C PRO C 2 11.92 4.04 4.80
N ALA C 3 10.68 3.58 4.96
CA ALA C 3 10.20 2.41 4.28
C ALA C 3 10.00 2.73 2.81
N ALA C 4 9.59 3.98 2.56
CA ALA C 4 9.27 4.40 1.22
C ALA C 4 9.63 5.86 1.01
N VAL C 5 10.30 6.12 -0.09
CA VAL C 5 10.66 7.46 -0.46
C VAL C 5 10.26 7.65 -1.91
N ASP C 6 9.62 8.77 -2.20
CA ASP C 6 9.30 9.13 -3.58
C ASP C 6 9.42 10.62 -3.71
N TRP C 7 10.49 11.08 -4.33
CA TRP C 7 10.75 12.51 -4.45
C TRP C 7 9.84 13.23 -5.45
N ARG C 8 9.07 12.47 -6.21
CA ARG C 8 8.15 13.08 -7.15
C ARG C 8 7.10 13.84 -6.35
N ALA C 9 6.74 13.24 -5.22
CA ALA C 9 5.70 13.76 -4.34
C ALA C 9 6.09 15.10 -3.72
N ARG C 10 7.40 15.37 -3.67
CA ARG C 10 7.89 16.58 -3.02
C ARG C 10 8.04 17.70 -4.03
N GLY C 11 7.59 17.45 -5.26
CA GLY C 11 7.71 18.44 -6.32
C GLY C 11 9.17 18.61 -6.73
N ALA C 12 9.96 17.55 -6.60
CA ALA C 12 11.39 17.65 -6.77
C ALA C 12 11.83 17.16 -8.14
N VAL C 13 10.92 16.64 -8.93
CA VAL C 13 11.28 16.01 -10.19
C VAL C 13 10.54 16.60 -11.37
N THR C 14 11.30 16.99 -12.39
CA THR C 14 10.72 17.53 -13.61
C THR C 14 9.99 16.45 -14.42
N ALA C 15 9.32 16.87 -15.49
CA ALA C 15 8.58 15.96 -16.36
C ALA C 15 9.48 14.90 -16.97
N VAL C 16 8.89 13.79 -17.42
CA VAL C 16 9.65 12.77 -18.13
C VAL C 16 10.03 13.33 -19.51
N LYS C 17 11.29 13.18 -19.91
CA LYS C 17 11.70 13.75 -21.18
C LYS C 17 11.94 12.65 -22.23
N ASP C 18 12.33 13.04 -23.44
CA ASP C 18 12.51 12.11 -24.56
C ASP C 18 13.84 12.33 -25.28
N GLN C 19 14.78 11.41 -25.11
CA GLN C 19 16.11 11.58 -25.68
C GLN C 19 16.11 11.39 -27.21
N GLY C 20 15.07 10.76 -27.73
CA GLY C 20 14.95 10.51 -29.16
C GLY C 20 15.97 9.52 -29.71
N GLN C 21 16.44 9.75 -30.93
CA GLN C 21 17.33 8.84 -31.66
C GLN C 21 18.77 9.19 -31.37
N CYS C 22 18.96 9.73 -30.19
CA CYS C 22 20.24 10.20 -29.71
C CYS C 22 20.69 9.23 -28.62
N GLY C 23 21.99 8.98 -28.51
CA GLY C 23 22.48 8.11 -27.44
C GLY C 23 22.90 8.88 -26.20
N SER C 24 21.94 9.55 -25.58
CA SER C 24 22.25 10.58 -24.61
C SER C 24 21.62 10.38 -23.23
N SER C 25 21.34 9.14 -22.87
CA SER C 25 20.75 8.86 -21.56
C SER C 25 21.69 9.33 -20.45
N TRP C 26 22.98 9.40 -20.74
CA TRP C 26 23.96 9.89 -19.77
C TRP C 26 23.70 11.35 -19.39
N ALA C 27 23.32 12.16 -20.38
CA ALA C 27 23.10 13.59 -20.14
C ALA C 27 21.73 13.84 -19.51
N PHE C 28 20.77 12.97 -19.80
CA PHE C 28 19.43 13.09 -19.23
C PHE C 28 19.46 12.65 -17.77
N SER C 29 20.31 11.67 -17.48
CA SER C 29 20.48 11.21 -16.12
C SER C 29 21.12 12.28 -15.24
N ALA C 30 22.18 12.90 -15.73
CA ALA C 30 22.93 13.89 -14.97
C ALA C 30 22.10 15.16 -14.76
N ILE C 31 21.53 15.65 -15.85
CA ILE C 31 20.73 16.84 -15.78
C ILE C 31 19.56 16.63 -14.84
N GLY C 32 18.93 15.46 -14.95
CA GLY C 32 17.79 15.15 -14.11
C GLY C 32 18.19 15.19 -12.66
N ASN C 33 19.35 14.63 -12.35
CA ASN C 33 19.90 14.67 -11.01
C ASN C 33 20.11 16.08 -10.53
N VAL C 34 20.75 16.90 -11.37
CA VAL C 34 21.01 18.29 -11.02
C VAL C 34 19.70 19.02 -10.82
N GLU C 35 18.73 18.79 -11.69
CA GLU C 35 17.42 19.44 -11.58
C GLU C 35 16.84 19.19 -10.19
N CYS C 36 16.96 17.96 -9.69
CA CYS C 36 16.39 17.63 -8.40
C CYS C 36 17.18 18.25 -7.26
N GLN C 37 18.50 18.09 -7.28
CA GLN C 37 19.37 18.60 -6.23
C GLN C 37 19.26 20.11 -6.09
N TRP C 38 19.11 20.78 -7.24
CA TRP C 38 18.98 22.22 -7.27
C TRP C 38 17.72 22.61 -6.50
N PHE C 39 16.65 21.87 -6.73
CA PHE C 39 15.37 22.10 -6.05
C PHE C 39 15.51 21.93 -4.55
N LEU C 40 16.16 20.84 -4.16
CA LEU C 40 16.30 20.48 -2.76
C LEU C 40 17.23 21.44 -2.01
N ALA C 41 17.78 22.40 -2.73
CA ALA C 41 18.66 23.38 -2.12
C ALA C 41 17.93 24.70 -1.90
N GLY C 42 16.65 24.74 -2.25
CA GLY C 42 15.85 25.93 -1.97
C GLY C 42 15.45 26.72 -3.19
N HIS C 43 15.86 26.26 -4.37
CA HIS C 43 15.49 26.97 -5.59
C HIS C 43 14.28 26.33 -6.24
N PRO C 44 13.57 27.07 -7.09
CA PRO C 44 12.41 26.52 -7.81
C PRO C 44 12.81 25.42 -8.79
N LEU C 45 11.94 24.43 -8.95
CA LEU C 45 12.15 23.36 -9.90
C LEU C 45 12.31 23.93 -11.30
N THR C 46 13.49 23.73 -11.87
CA THR C 46 13.81 24.32 -13.16
C THR C 46 14.22 23.23 -14.15
N ASN C 47 13.77 23.38 -15.39
CA ASN C 47 14.23 22.53 -16.48
C ASN C 47 15.61 22.96 -16.94
N LEU C 48 16.55 22.02 -16.94
CA LEU C 48 17.91 22.34 -17.32
C LEU C 48 18.22 21.72 -18.67
N SER C 49 19.38 22.11 -19.21
CA SER C 49 19.71 21.79 -20.59
C SER C 49 20.56 20.53 -20.81
N GLU C 50 19.92 19.48 -21.30
CA GLU C 50 20.64 18.31 -21.75
C GLU C 50 21.48 18.63 -22.98
N GLN C 51 20.96 19.51 -23.83
CA GLN C 51 21.66 19.84 -25.06
C GLN C 51 22.99 20.50 -24.76
N MET C 52 23.07 21.20 -23.63
CA MET C 52 24.34 21.79 -23.21
C MET C 52 25.43 20.71 -23.14
N LEU C 53 25.10 19.60 -22.49
CA LEU C 53 26.05 18.50 -22.36
C LEU C 53 26.36 17.85 -23.69
N VAL C 54 25.32 17.54 -24.45
CA VAL C 54 25.48 16.85 -25.74
C VAL C 54 26.36 17.63 -26.74
N SER C 55 26.21 18.94 -26.76
CA SER C 55 26.91 19.77 -27.74
C SER C 55 28.30 20.17 -27.27
N CYS C 56 28.45 20.33 -25.97
CA CYS C 56 29.60 21.05 -25.44
C CYS C 56 30.55 20.21 -24.60
N ASP C 57 30.05 19.09 -24.09
CA ASP C 57 30.87 18.26 -23.24
C ASP C 57 31.74 17.30 -24.07
N LYS C 58 32.95 17.76 -24.37
CA LYS C 58 33.88 17.03 -25.24
C LYS C 58 34.62 15.92 -24.49
N THR C 59 34.24 15.78 -23.23
CA THR C 59 34.73 14.75 -22.34
C THR C 59 33.87 13.52 -22.60
N ASP C 60 32.69 13.73 -23.17
CA ASP C 60 31.80 12.65 -23.55
C ASP C 60 31.60 12.59 -25.07
N SER C 61 30.67 11.75 -25.50
CA SER C 61 30.60 11.40 -26.91
C SER C 61 29.25 11.73 -27.53
N GLY C 62 28.62 12.78 -27.00
CA GLY C 62 27.42 13.31 -27.60
C GLY C 62 26.31 12.30 -27.75
N CYS C 63 25.81 12.17 -28.98
CA CYS C 63 24.73 11.23 -29.26
C CYS C 63 25.24 9.80 -29.32
N SER C 64 26.55 9.66 -29.12
CA SER C 64 27.15 8.34 -29.13
C SER C 64 27.56 7.90 -27.74
N GLY C 65 26.88 8.39 -26.71
CA GLY C 65 27.04 7.81 -25.39
C GLY C 65 27.94 8.58 -24.45
N GLY C 66 27.89 8.25 -23.16
CA GLY C 66 28.70 8.95 -22.19
C GLY C 66 28.51 8.51 -20.76
N LEU C 67 29.16 9.22 -19.84
CA LEU C 67 29.07 8.92 -18.42
C LEU C 67 28.63 10.13 -17.62
N MET C 68 27.68 9.93 -16.69
CA MET C 68 27.21 11.00 -15.83
C MET C 68 28.38 11.61 -15.06
N ASN C 69 29.29 10.77 -14.58
CA ASN C 69 30.41 11.24 -13.79
C ASN C 69 31.35 12.11 -14.59
N ASN C 70 31.42 11.87 -15.91
CA ASN C 70 32.17 12.75 -16.80
C ASN C 70 31.51 14.12 -16.90
N ALA C 71 30.19 14.09 -17.04
CA ALA C 71 29.38 15.29 -17.19
C ALA C 71 29.52 16.17 -15.96
N PHE C 72 29.42 15.55 -14.81
CA PHE C 72 29.57 16.26 -13.55
C PHE C 72 30.92 16.96 -13.48
N GLU C 73 31.99 16.28 -13.87
CA GLU C 73 33.30 16.89 -13.92
C GLU C 73 33.41 17.97 -14.99
N TRP C 74 32.74 17.78 -16.12
CA TRP C 74 32.82 18.75 -17.20
C TRP C 74 32.17 20.06 -16.79
N ILE C 75 30.98 19.97 -16.20
CA ILE C 75 30.24 21.13 -15.76
C ILE C 75 31.06 21.96 -14.79
N VAL C 76 31.72 21.29 -13.85
CA VAL C 76 32.49 21.97 -12.83
C VAL C 76 33.83 22.44 -13.36
N GLN C 77 34.55 21.56 -14.03
CA GLN C 77 35.92 21.86 -14.46
C GLN C 77 36.01 22.67 -15.76
N GLU C 78 35.03 22.54 -16.64
CA GLU C 78 35.13 23.24 -17.92
C GLU C 78 34.06 24.36 -18.11
N ASN C 79 32.96 24.28 -17.37
CA ASN C 79 31.87 25.23 -17.59
C ASN C 79 31.53 26.02 -16.32
N ASN C 80 32.48 26.09 -15.40
CA ASN C 80 32.38 26.96 -14.23
C ASN C 80 31.19 26.66 -13.35
N GLY C 81 30.86 25.37 -13.29
CA GLY C 81 29.73 24.87 -12.52
C GLY C 81 28.37 25.13 -13.14
N ALA C 82 28.35 25.72 -14.33
CA ALA C 82 27.10 26.16 -14.94
C ALA C 82 26.29 25.08 -15.63
N VAL C 83 25.00 25.01 -15.28
CA VAL C 83 24.06 24.18 -16.02
C VAL C 83 22.97 25.11 -16.55
N TYR C 84 22.95 25.27 -17.87
CA TYR C 84 22.04 26.19 -18.51
C TYR C 84 20.61 25.71 -18.39
N THR C 85 19.67 26.64 -18.52
CA THR C 85 18.27 26.26 -18.53
C THR C 85 17.96 25.61 -19.86
N GLU C 86 16.97 24.74 -19.86
CA GLU C 86 16.52 24.16 -21.10
C GLU C 86 16.00 25.24 -22.03
N ASP C 87 15.21 26.15 -21.46
CA ASP C 87 14.57 27.18 -22.28
C ASP C 87 15.61 28.05 -23.00
N SER C 88 16.77 28.28 -22.38
CA SER C 88 17.76 29.09 -23.06
C SER C 88 18.72 28.24 -23.89
N TYR C 89 18.67 26.91 -23.74
CA TYR C 89 19.45 26.01 -24.61
C TYR C 89 18.64 24.73 -24.83
N PRO C 90 17.62 24.76 -25.69
CA PRO C 90 16.70 23.60 -25.82
C PRO C 90 17.28 22.35 -26.50
N TYR C 91 16.63 21.22 -26.23
CA TYR C 91 17.04 19.94 -26.76
C TYR C 91 16.71 19.82 -28.24
N ALA C 92 17.72 19.54 -29.06
CA ALA C 92 17.56 19.55 -30.51
C ALA C 92 18.17 18.32 -31.18
N SER C 93 18.39 17.26 -30.41
CA SER C 93 19.13 16.12 -30.93
C SER C 93 18.28 14.87 -31.05
N GLY C 94 16.96 15.04 -31.02
CA GLY C 94 16.02 13.92 -31.06
C GLY C 94 16.18 13.11 -32.32
N GLU C 95 16.70 13.78 -33.36
CA GLU C 95 16.93 13.19 -34.67
C GLU C 95 18.32 12.57 -34.84
N GLY C 96 19.13 12.56 -33.77
CA GLY C 96 20.41 11.87 -33.79
C GLY C 96 21.61 12.71 -34.17
N ILE C 97 21.38 13.97 -34.52
CA ILE C 97 22.48 14.88 -34.86
C ILE C 97 22.46 16.12 -33.98
N SER C 98 23.58 16.36 -33.30
CA SER C 98 23.66 17.43 -32.34
C SER C 98 24.11 18.77 -32.94
N PRO C 99 23.46 19.86 -32.52
CA PRO C 99 23.88 21.22 -32.86
C PRO C 99 25.20 21.52 -32.18
N PRO C 100 25.98 22.48 -32.70
CA PRO C 100 27.29 22.70 -32.09
C PRO C 100 27.21 23.55 -30.82
N CYS C 101 28.34 23.59 -30.11
CA CYS C 101 28.40 24.29 -28.84
C CYS C 101 28.22 25.79 -29.02
N THR C 102 27.46 26.42 -28.13
CA THR C 102 27.42 27.89 -28.13
C THR C 102 27.67 28.45 -26.72
N THR C 103 28.38 29.55 -26.66
CA THR C 103 28.75 30.11 -25.37
C THR C 103 27.90 31.33 -25.00
N SER C 104 27.82 32.28 -25.93
CA SER C 104 27.15 33.53 -25.66
C SER C 104 25.66 33.38 -25.49
N GLY C 105 25.11 34.07 -24.49
CA GLY C 105 23.67 34.24 -24.33
C GLY C 105 22.85 33.36 -23.40
N HIS C 106 23.41 32.25 -22.97
CA HIS C 106 22.66 31.26 -22.21
C HIS C 106 22.55 31.58 -20.74
N THR C 107 21.52 31.01 -20.13
CA THR C 107 21.13 31.32 -18.77
C THR C 107 21.46 30.19 -17.81
N VAL C 108 22.15 30.53 -16.74
CA VAL C 108 22.48 29.57 -15.70
C VAL C 108 21.29 29.22 -14.80
N GLY C 109 20.76 28.01 -14.95
CA GLY C 109 19.58 27.61 -14.21
C GLY C 109 19.96 26.94 -12.92
N ALA C 110 21.20 26.48 -12.84
CA ALA C 110 21.70 25.90 -11.62
C ALA C 110 23.20 26.04 -11.60
N THR C 111 23.78 26.02 -10.40
CA THR C 111 25.21 25.98 -10.29
C THR C 111 25.55 24.87 -9.32
N ILE C 112 26.48 24.03 -9.76
CA ILE C 112 26.91 22.94 -8.93
C ILE C 112 28.37 23.15 -8.72
N THR C 113 28.90 22.51 -7.68
CA THR C 113 30.27 22.70 -7.28
C THR C 113 31.09 21.42 -7.21
N GLY C 114 30.46 20.29 -7.42
CA GLY C 114 31.17 19.03 -7.49
C GLY C 114 30.20 17.88 -7.63
N HIS C 115 30.65 16.65 -7.38
CA HIS C 115 29.75 15.52 -7.40
C HIS C 115 30.27 14.45 -6.46
N VAL C 116 29.39 13.58 -5.99
CA VAL C 116 29.80 12.47 -5.15
C VAL C 116 29.46 11.16 -5.84
N GLU C 117 30.34 10.18 -5.72
CA GLU C 117 30.08 8.83 -6.22
C GLU C 117 29.70 7.95 -5.03
N LEU C 118 28.59 7.22 -5.15
CA LEU C 118 28.02 6.44 -4.05
C LEU C 118 28.51 4.99 -4.02
N PRO C 119 28.29 4.29 -2.89
CA PRO C 119 28.77 2.90 -2.83
C PRO C 119 27.97 1.94 -3.71
N GLN C 120 28.56 0.81 -4.03
CA GLN C 120 27.92 -0.24 -4.83
C GLN C 120 27.06 -1.14 -3.94
N ASP C 121 26.12 -0.49 -3.25
CA ASP C 121 25.32 -1.09 -2.19
C ASP C 121 23.91 -0.50 -2.28
N GLU C 122 22.91 -1.33 -2.54
CA GLU C 122 21.59 -0.78 -2.74
C GLU C 122 21.04 -0.12 -1.48
N ALA C 123 21.44 -0.63 -0.32
CA ALA C 123 20.96 -0.06 0.93
C ALA C 123 21.62 1.29 1.19
N GLN C 124 22.92 1.39 0.90
CA GLN C 124 23.62 2.63 1.14
C GLN C 124 23.16 3.73 0.19
N ILE C 125 22.88 3.35 -1.06
CA ILE C 125 22.36 4.29 -2.03
C ILE C 125 20.99 4.83 -1.62
N ALA C 126 20.12 3.94 -1.13
CA ALA C 126 18.78 4.32 -0.69
C ALA C 126 18.87 5.18 0.56
N ALA C 127 19.89 4.92 1.36
CA ALA C 127 20.11 5.70 2.56
C ALA C 127 20.43 7.13 2.14
N TRP C 128 21.30 7.26 1.14
CA TRP C 128 21.64 8.57 0.56
C TRP C 128 20.41 9.24 -0.06
N LEU C 129 19.67 8.47 -0.85
CA LEU C 129 18.55 9.03 -1.58
C LEU C 129 17.50 9.61 -0.62
N ALA C 130 17.24 8.87 0.45
CA ALA C 130 16.19 9.24 1.39
C ALA C 130 16.46 10.62 1.94
N VAL C 131 17.72 10.93 2.17
CA VAL C 131 18.08 12.23 2.67
C VAL C 131 18.25 13.24 1.52
N ASN C 132 19.12 12.89 0.57
CA ASN C 132 19.65 13.86 -0.37
C ASN C 132 19.02 13.91 -1.75
N GLY C 133 18.07 13.03 -2.01
CA GLY C 133 17.33 13.15 -3.24
C GLY C 133 17.81 12.25 -4.34
N PRO C 134 17.15 12.36 -5.50
CA PRO C 134 17.34 11.49 -6.66
C PRO C 134 18.79 11.24 -7.05
N VAL C 135 19.12 9.98 -7.33
CA VAL C 135 20.47 9.57 -7.68
C VAL C 135 20.61 9.15 -9.14
N ALA C 136 21.68 9.61 -9.77
CA ALA C 136 22.03 9.18 -11.12
C ALA C 136 22.70 7.81 -11.06
N VAL C 137 22.13 6.87 -11.80
CA VAL C 137 22.64 5.53 -11.87
C VAL C 137 22.68 5.04 -13.31
N ALA C 138 23.65 4.16 -13.59
CA ALA C 138 23.73 3.49 -14.88
C ALA C 138 23.10 2.13 -14.73
N VAL C 139 22.46 1.63 -15.78
CA VAL C 139 21.84 0.32 -15.73
C VAL C 139 22.11 -0.47 -17.01
N ASP C 140 21.72 -1.76 -16.99
CA ASP C 140 21.58 -2.55 -18.21
C ASP C 140 20.14 -2.44 -18.64
N ALA C 141 19.89 -1.81 -19.79
CA ALA C 141 18.51 -1.58 -20.24
C ALA C 141 18.20 -2.41 -21.48
N SER C 142 19.08 -3.37 -21.79
CA SER C 142 18.90 -4.24 -22.95
C SER C 142 17.53 -4.96 -22.92
N SER C 143 17.06 -5.31 -21.73
CA SER C 143 15.77 -5.97 -21.58
C SER C 143 14.61 -5.03 -21.44
N TRP C 144 14.85 -3.74 -21.62
CA TRP C 144 13.87 -2.73 -21.23
C TRP C 144 12.88 -2.33 -22.31
N MET C 145 13.14 -2.70 -23.55
CA MET C 145 12.38 -2.16 -24.67
C MET C 145 10.95 -2.66 -24.61
N THR C 146 10.75 -3.81 -23.97
CA THR C 146 9.42 -4.41 -23.88
C THR C 146 8.78 -4.33 -22.49
N TYR C 147 9.12 -3.31 -21.72
CA TYR C 147 8.53 -3.14 -20.39
C TYR C 147 7.25 -2.33 -20.46
N THR C 148 6.22 -2.79 -19.78
CA THR C 148 4.91 -2.14 -19.82
C THR C 148 4.50 -1.59 -18.46
N GLY C 149 4.87 -2.30 -17.41
CA GLY C 149 4.52 -1.92 -16.06
C GLY C 149 4.97 -2.97 -15.06
N GLY C 150 4.62 -2.77 -13.79
CA GLY C 150 4.91 -3.72 -12.75
C GLY C 150 6.33 -3.68 -12.25
N VAL C 151 6.68 -4.65 -11.41
CA VAL C 151 8.02 -4.67 -10.86
C VAL C 151 8.87 -5.65 -11.64
N MET C 152 9.77 -5.11 -12.48
CA MET C 152 10.67 -5.96 -13.27
C MET C 152 11.44 -6.89 -12.37
N THR C 153 11.33 -8.16 -12.70
CA THR C 153 11.77 -9.25 -11.86
C THR C 153 12.89 -10.06 -12.48
N SER C 154 13.00 -10.00 -13.80
CA SER C 154 14.02 -10.76 -14.51
C SER C 154 14.79 -9.88 -15.48
N CYS C 155 15.55 -8.93 -14.93
CA CYS C 155 16.28 -7.99 -15.75
C CYS C 155 17.63 -8.54 -16.20
N VAL C 156 17.85 -8.52 -17.52
CA VAL C 156 19.16 -8.79 -18.08
C VAL C 156 20.18 -7.85 -17.44
N SER C 157 21.12 -8.40 -16.68
CA SER C 157 22.07 -7.60 -15.92
C SER C 157 23.49 -7.93 -16.33
N GLU C 158 23.87 -7.61 -17.56
CA GLU C 158 25.15 -8.04 -18.10
C GLU C 158 26.12 -6.90 -18.41
N GLN C 159 25.62 -5.81 -18.98
CA GLN C 159 26.53 -4.71 -19.31
C GLN C 159 25.79 -3.39 -19.34
N LEU C 160 26.37 -2.41 -18.63
CA LEU C 160 25.77 -1.11 -18.48
C LEU C 160 25.75 -0.40 -19.83
N ASP C 161 24.60 0.17 -20.20
CA ASP C 161 24.53 0.82 -21.49
C ASP C 161 23.61 2.04 -21.46
N HIS C 162 23.09 2.39 -20.28
CA HIS C 162 22.00 3.35 -20.21
C HIS C 162 21.97 4.16 -18.91
N GLY C 163 21.82 5.47 -19.01
CA GLY C 163 21.77 6.31 -17.81
C GLY C 163 20.36 6.67 -17.39
N VAL C 164 20.08 6.53 -16.09
CA VAL C 164 18.75 6.83 -15.57
C VAL C 164 18.85 7.53 -14.21
N LEU C 165 17.70 7.72 -13.57
CA LEU C 165 17.60 8.52 -12.35
C LEU C 165 16.77 7.83 -11.29
N LEU C 166 17.36 7.57 -10.13
CA LEU C 166 16.59 6.98 -9.03
C LEU C 166 15.79 8.05 -8.26
N VAL C 167 14.46 8.04 -8.36
CA VAL C 167 13.69 9.07 -7.67
C VAL C 167 13.03 8.56 -6.38
N GLY C 168 13.22 7.27 -6.10
CA GLY C 168 12.68 6.71 -4.88
C GLY C 168 12.62 5.20 -4.76
N TYR C 169 12.17 4.73 -3.60
CA TYR C 169 12.07 3.30 -3.36
C TYR C 169 10.91 2.94 -2.44
N ASN C 170 10.72 1.64 -2.25
CA ASN C 170 9.63 1.09 -1.46
C ASN C 170 10.05 -0.24 -0.88
N ASP C 171 10.50 -0.22 0.38
CA ASP C 171 11.00 -1.42 1.03
C ASP C 171 9.86 -2.19 1.70
N SER C 172 8.73 -1.52 1.86
CA SER C 172 7.57 -2.08 2.55
C SER C 172 6.71 -2.95 1.65
N ALA C 173 6.77 -2.70 0.35
CA ALA C 173 5.96 -3.46 -0.61
C ALA C 173 6.33 -4.94 -0.58
N ALA C 174 5.45 -5.79 -1.12
CA ALA C 174 5.68 -7.22 -1.12
C ALA C 174 6.98 -7.57 -1.83
N VAL C 175 7.15 -7.01 -3.03
CA VAL C 175 8.42 -7.07 -3.74
C VAL C 175 9.04 -5.68 -3.78
N PRO C 176 9.99 -5.42 -2.86
CA PRO C 176 10.64 -4.12 -2.78
C PRO C 176 11.24 -3.69 -4.11
N TYR C 177 11.05 -2.41 -4.46
CA TYR C 177 11.51 -1.85 -5.72
C TYR C 177 12.10 -0.45 -5.62
N TRP C 178 12.85 -0.09 -6.66
CA TRP C 178 13.31 1.27 -6.90
C TRP C 178 12.32 1.93 -7.83
N ILE C 179 12.14 3.25 -7.69
CA ILE C 179 11.36 4.02 -8.67
C ILE C 179 12.34 4.77 -9.55
N ILE C 180 12.28 4.51 -10.85
CA ILE C 180 13.30 5.01 -11.78
C ILE C 180 12.74 5.83 -12.94
N LYS C 181 13.26 7.05 -13.08
CA LYS C 181 12.89 7.94 -14.18
C LYS C 181 13.69 7.58 -15.40
N ASN C 182 13.00 7.39 -16.51
CA ASN C 182 13.65 7.07 -17.77
C ASN C 182 13.48 8.20 -18.76
N SER C 183 14.21 8.18 -19.87
CA SER C 183 14.11 9.26 -20.83
C SER C 183 13.55 8.79 -22.16
N TRP C 184 12.54 7.92 -22.08
CA TRP C 184 11.93 7.34 -23.26
C TRP C 184 10.46 7.71 -23.41
N THR C 185 10.15 8.97 -23.13
CA THR C 185 8.79 9.54 -23.14
C THR C 185 7.90 8.86 -22.09
N THR C 186 6.68 9.37 -21.97
CA THR C 186 5.73 8.89 -20.98
C THR C 186 4.95 7.67 -21.45
N GLN C 187 5.07 7.34 -22.74
CA GLN C 187 4.38 6.18 -23.30
C GLN C 187 5.05 4.92 -22.86
N TRP C 188 6.36 5.01 -22.59
CA TRP C 188 7.10 3.85 -22.13
C TRP C 188 6.82 3.62 -20.66
N GLY C 189 6.69 2.36 -20.29
CA GLY C 189 6.47 1.96 -18.90
C GLY C 189 5.31 2.63 -18.19
N GLU C 190 5.53 2.93 -16.91
CA GLU C 190 4.50 3.49 -16.07
C GLU C 190 4.61 5.01 -16.13
N GLU C 191 4.00 5.57 -17.18
CA GLU C 191 4.07 7.01 -17.45
C GLU C 191 5.52 7.51 -17.52
N GLY C 192 6.41 6.66 -18.02
CA GLY C 192 7.79 7.06 -18.26
C GLY C 192 8.74 6.59 -17.18
N TYR C 193 8.17 5.97 -16.15
CA TYR C 193 8.97 5.45 -15.04
C TYR C 193 9.09 3.94 -15.09
N ILE C 194 10.00 3.38 -14.28
CA ILE C 194 10.05 1.93 -14.15
C ILE C 194 10.33 1.54 -12.70
N ARG C 195 9.62 0.53 -12.22
CA ARG C 195 9.97 -0.11 -10.96
C ARG C 195 10.70 -1.42 -11.24
N ILE C 196 11.92 -1.51 -10.72
CA ILE C 196 12.69 -2.74 -10.73
C ILE C 196 12.90 -3.17 -9.29
N ALA C 197 13.06 -4.48 -9.07
CA ALA C 197 13.17 -5.01 -7.72
C ALA C 197 14.45 -4.53 -7.00
N LYS C 198 14.31 -4.16 -5.73
CA LYS C 198 15.40 -3.61 -4.93
C LYS C 198 16.07 -4.69 -4.07
N GLY C 199 17.36 -4.90 -4.27
CA GLY C 199 18.07 -5.85 -3.43
C GLY C 199 18.78 -6.99 -4.16
N SER C 200 18.44 -7.21 -5.43
CA SER C 200 19.05 -8.27 -6.20
C SER C 200 20.00 -7.73 -7.27
N ASN C 201 20.34 -6.45 -7.13
CA ASN C 201 21.16 -5.71 -8.10
C ASN C 201 20.61 -5.84 -9.52
N GLN C 202 19.30 -5.65 -9.68
CA GLN C 202 18.68 -5.71 -11.00
C GLN C 202 19.30 -4.68 -11.94
N CYS C 203 19.60 -5.09 -13.17
CA CYS C 203 20.12 -4.21 -14.22
C CYS C 203 21.45 -3.54 -13.82
N LEU C 204 22.06 -4.09 -12.77
CA LEU C 204 23.35 -3.62 -12.25
C LEU C 204 23.22 -2.20 -11.69
N VAL C 205 22.02 -1.90 -11.15
CA VAL C 205 21.64 -0.57 -10.67
C VAL C 205 22.64 0.03 -9.67
N LYS C 206 23.33 -0.82 -8.92
CA LYS C 206 24.18 -0.34 -7.85
C LYS C 206 25.61 -0.02 -8.31
N GLU C 207 25.93 -0.31 -9.56
CA GLU C 207 27.33 -0.28 -10.02
C GLU C 207 27.89 1.15 -10.18
N GLU C 208 27.06 2.08 -10.68
CA GLU C 208 27.51 3.45 -10.90
C GLU C 208 26.46 4.48 -10.44
N ALA C 209 26.34 4.61 -9.14
CA ALA C 209 25.43 5.60 -8.59
C ALA C 209 26.21 6.83 -8.17
N SER C 210 25.77 8.00 -8.63
CA SER C 210 26.36 9.25 -8.17
C SER C 210 25.36 10.41 -8.23
N SER C 211 25.73 11.53 -7.64
CA SER C 211 24.84 12.69 -7.63
C SER C 211 25.64 13.97 -7.67
N ALA C 212 25.12 14.97 -8.38
CA ALA C 212 25.71 16.29 -8.34
C ALA C 212 25.56 16.87 -6.95
N VAL C 213 26.53 17.68 -6.56
CA VAL C 213 26.44 18.46 -5.33
C VAL C 213 26.23 19.89 -5.74
N VAL C 214 25.13 20.46 -5.26
CA VAL C 214 24.78 21.84 -5.55
C VAL C 214 25.28 22.77 -4.46
N GLY C 215 25.91 23.87 -4.88
CA GLY C 215 26.34 24.90 -3.96
C GLY C 215 27.43 24.48 -2.99
#